data_2D13
#
_entry.id   2D13
#
_cell.length_a   55.974
_cell.length_b   96.696
_cell.length_c   84.921
_cell.angle_alpha   90.00
_cell.angle_beta   93.77
_cell.angle_gamma   90.00
#
_symmetry.space_group_name_H-M   'P 1 21 1'
#
loop_
_entity.id
_entity.type
_entity.pdbx_description
1 polymer 'hypothetical protein PH1257'
2 water water
#
_entity_poly.entity_id   1
_entity_poly.type   'polypeptide(L)'
_entity_poly.pdbx_seq_one_letter_code
;MVGLADVAVLYSGGKDSNYALYWALKSGLRVRYLVSMVSENEESYMYHTPNVELTSLQARALGIPIIKGFTKGEKEKEVE
DLKNVLEGLKVDGIVAGALASRYQKERIENVARELGLKVYTPAWEKDPYQYMLEIIKLGFKVVFVAVSAYGLNESWLGRE
LNYKNLEELKKLSEKYGIHIAGEGGEFETFVLDMPFFKAKIVIDDAEKFWDGLSGKFIIKRAHLEWK
;
_entity_poly.pdbx_strand_id   A,B,C,D
#
# COMPACT_ATOMS: atom_id res chain seq x y z
N VAL A 2 -43.56 1.37 -2.23
CA VAL A 2 -44.74 0.47 -2.31
C VAL A 2 -44.82 -0.17 -3.69
N GLY A 3 -45.26 -1.42 -3.72
CA GLY A 3 -45.41 -2.15 -4.97
C GLY A 3 -46.14 -3.47 -4.74
N LEU A 4 -45.81 -4.47 -5.54
CA LEU A 4 -46.45 -5.78 -5.40
C LEU A 4 -45.89 -6.49 -4.18
N ALA A 5 -44.58 -6.36 -3.98
CA ALA A 5 -43.93 -7.01 -2.85
C ALA A 5 -42.68 -6.26 -2.39
N ASP A 6 -42.30 -6.51 -1.15
CA ASP A 6 -41.11 -5.90 -0.58
C ASP A 6 -40.01 -6.93 -0.58
N VAL A 7 -38.84 -6.57 -1.09
CA VAL A 7 -37.74 -7.53 -1.17
C VAL A 7 -36.35 -6.96 -0.89
N ALA A 8 -35.41 -7.89 -0.71
CA ALA A 8 -34.01 -7.57 -0.50
C ALA A 8 -33.29 -8.19 -1.71
N VAL A 9 -32.25 -7.53 -2.20
CA VAL A 9 -31.49 -8.04 -3.35
C VAL A 9 -30.04 -8.36 -3.01
N LEU A 10 -29.65 -9.62 -3.19
CA LEU A 10 -28.27 -10.03 -2.92
C LEU A 10 -27.38 -9.22 -3.88
N TYR A 11 -26.53 -8.37 -3.31
CA TYR A 11 -25.71 -7.49 -4.13
C TYR A 11 -24.20 -7.57 -3.92
N SER A 12 -23.45 -7.59 -5.02
CA SER A 12 -21.99 -7.67 -4.95
C SER A 12 -21.32 -6.69 -5.90
N GLY A 13 -22.11 -6.10 -6.79
CA GLY A 13 -21.58 -5.14 -7.73
C GLY A 13 -21.45 -5.66 -9.14
N GLY A 14 -21.50 -6.99 -9.29
CA GLY A 14 -21.37 -7.61 -10.60
C GLY A 14 -22.54 -7.44 -11.54
N LYS A 15 -22.39 -7.95 -12.76
CA LYS A 15 -23.44 -7.81 -13.76
C LYS A 15 -24.71 -8.54 -13.31
N ASP A 16 -24.50 -9.68 -12.64
CA ASP A 16 -25.61 -10.51 -12.17
C ASP A 16 -26.47 -9.88 -11.09
N SER A 17 -25.83 -9.32 -10.07
CA SER A 17 -26.53 -8.67 -8.97
C SER A 17 -27.34 -7.50 -9.49
N ASN A 18 -26.73 -6.75 -10.41
CA ASN A 18 -27.37 -5.59 -10.98
C ASN A 18 -28.48 -6.01 -11.93
N TYR A 19 -28.32 -7.16 -12.58
CA TYR A 19 -29.34 -7.62 -13.50
C TYR A 19 -30.58 -7.97 -12.68
N ALA A 20 -30.38 -8.77 -11.64
CA ALA A 20 -31.47 -9.14 -10.76
C ALA A 20 -32.11 -7.88 -10.19
N LEU A 21 -31.27 -6.95 -9.79
CA LEU A 21 -31.76 -5.70 -9.22
C LEU A 21 -32.58 -4.92 -10.23
N TYR A 22 -32.11 -4.90 -11.47
CA TYR A 22 -32.81 -4.20 -12.55
C TYR A 22 -34.21 -4.83 -12.71
N TRP A 23 -34.24 -6.15 -12.81
CA TRP A 23 -35.48 -6.89 -12.99
C TRP A 23 -36.49 -6.69 -11.85
N ALA A 24 -35.99 -6.52 -10.63
CA ALA A 24 -36.87 -6.31 -9.49
C ALA A 24 -37.52 -4.93 -9.63
N LEU A 25 -36.68 -3.92 -9.72
CA LEU A 25 -37.17 -2.55 -9.88
C LEU A 25 -38.15 -2.45 -11.05
N LYS A 26 -37.66 -2.71 -12.26
CA LYS A 26 -38.47 -2.62 -13.46
C LYS A 26 -39.79 -3.42 -13.45
N SER A 27 -39.87 -4.51 -12.69
CA SER A 27 -41.11 -5.26 -12.67
C SER A 27 -41.94 -4.92 -11.42
N GLY A 28 -41.81 -3.68 -10.96
CA GLY A 28 -42.58 -3.21 -9.81
C GLY A 28 -42.32 -3.72 -8.41
N LEU A 29 -41.25 -4.47 -8.18
CA LEU A 29 -40.97 -4.95 -6.84
C LEU A 29 -40.41 -3.81 -5.97
N ARG A 30 -40.71 -3.85 -4.67
CA ARG A 30 -40.20 -2.81 -3.78
C ARG A 30 -38.90 -3.33 -3.17
N VAL A 31 -37.79 -2.71 -3.54
CA VAL A 31 -36.47 -3.12 -3.04
C VAL A 31 -36.09 -2.31 -1.83
N ARG A 32 -36.26 -2.91 -0.66
CA ARG A 32 -35.96 -2.27 0.61
C ARG A 32 -34.46 -2.18 0.88
N TYR A 33 -33.73 -3.25 0.58
CA TYR A 33 -32.29 -3.29 0.84
C TYR A 33 -31.47 -4.07 -0.18
N LEU A 34 -30.19 -3.71 -0.29
CA LEU A 34 -29.24 -4.44 -1.12
C LEU A 34 -28.50 -5.12 0.00
N VAL A 35 -28.30 -6.43 -0.10
CA VAL A 35 -27.60 -7.18 0.94
C VAL A 35 -26.30 -7.75 0.40
N SER A 36 -25.19 -7.13 0.78
CA SER A 36 -23.86 -7.52 0.33
C SER A 36 -23.04 -8.23 1.41
N MET A 37 -22.93 -9.55 1.28
CA MET A 37 -22.17 -10.36 2.23
C MET A 37 -20.77 -10.59 1.67
N VAL A 38 -19.75 -10.45 2.50
CA VAL A 38 -18.37 -10.68 2.09
C VAL A 38 -17.68 -11.65 3.06
N SER A 39 -16.86 -12.55 2.52
CA SER A 39 -16.15 -13.51 3.37
C SER A 39 -14.65 -13.23 3.35
N GLU A 40 -13.94 -13.68 4.38
CA GLU A 40 -12.50 -13.48 4.46
C GLU A 40 -11.79 -14.16 3.28
N ASN A 41 -11.10 -13.35 2.47
CA ASN A 41 -10.36 -13.85 1.31
C ASN A 41 -8.86 -13.71 1.52
N ASN A 51 -13.39 -4.97 -4.65
CA ASN A 51 -14.46 -5.01 -5.63
C ASN A 51 -15.83 -4.86 -4.97
N VAL A 52 -15.81 -4.57 -3.68
CA VAL A 52 -17.05 -4.39 -2.92
C VAL A 52 -17.15 -3.00 -2.29
N GLU A 53 -16.01 -2.33 -2.13
CA GLU A 53 -16.02 -0.97 -1.56
C GLU A 53 -16.65 -0.07 -2.62
N LEU A 54 -16.89 -0.67 -3.77
CA LEU A 54 -17.50 0.00 -4.90
C LEU A 54 -19.02 -0.18 -4.82
N THR A 55 -19.46 -1.23 -4.14
CA THR A 55 -20.88 -1.48 -4.00
C THR A 55 -21.56 -0.35 -3.21
N SER A 56 -20.79 0.38 -2.39
CA SER A 56 -21.35 1.50 -1.64
C SER A 56 -21.65 2.69 -2.55
N LEU A 57 -20.88 2.85 -3.63
CA LEU A 57 -21.10 3.94 -4.58
C LEU A 57 -22.36 3.63 -5.37
N GLN A 58 -22.50 2.39 -5.82
CA GLN A 58 -23.66 1.97 -6.58
C GLN A 58 -24.90 2.19 -5.72
N ALA A 59 -24.76 1.97 -4.41
CA ALA A 59 -25.88 2.18 -3.50
C ALA A 59 -26.23 3.66 -3.44
N ARG A 60 -25.20 4.51 -3.38
CA ARG A 60 -25.43 5.95 -3.31
C ARG A 60 -26.05 6.40 -4.63
N ALA A 61 -25.64 5.76 -5.72
CA ALA A 61 -26.15 6.09 -7.06
C ALA A 61 -27.58 5.58 -7.26
N LEU A 62 -27.90 4.45 -6.63
CA LEU A 62 -29.23 3.88 -6.75
C LEU A 62 -30.15 4.50 -5.71
N GLY A 63 -29.56 5.06 -4.66
CA GLY A 63 -30.37 5.65 -3.61
C GLY A 63 -31.06 4.57 -2.80
N ILE A 64 -30.44 3.39 -2.74
CA ILE A 64 -31.00 2.27 -1.97
C ILE A 64 -30.07 1.84 -0.83
N PRO A 65 -30.59 1.81 0.41
CA PRO A 65 -29.76 1.41 1.54
C PRO A 65 -29.05 0.07 1.28
N ILE A 66 -27.77 -0.02 1.65
CA ILE A 66 -27.05 -1.26 1.46
C ILE A 66 -26.56 -1.82 2.80
N ILE A 67 -26.78 -3.12 2.97
CA ILE A 67 -26.40 -3.82 4.19
C ILE A 67 -25.12 -4.63 3.94
N LYS A 68 -24.05 -4.31 4.67
CA LYS A 68 -22.81 -5.03 4.53
C LYS A 68 -22.70 -6.11 5.60
N GLY A 69 -22.63 -7.36 5.16
CA GLY A 69 -22.51 -8.48 6.07
C GLY A 69 -21.09 -9.02 6.00
N PHE A 70 -20.55 -9.44 7.13
CA PHE A 70 -19.19 -9.94 7.17
C PHE A 70 -19.07 -11.32 7.81
N THR A 71 -18.50 -12.26 7.08
CA THR A 71 -18.31 -13.62 7.57
C THR A 71 -16.90 -14.12 7.30
N GLU A 74 -14.41 -17.96 6.80
CA GLU A 74 -14.64 -19.33 7.26
C GLU A 74 -15.99 -19.83 6.76
N LYS A 75 -15.97 -20.68 5.75
CA LYS A 75 -17.19 -21.23 5.15
C LYS A 75 -17.93 -22.21 6.06
N GLU A 76 -19.12 -22.62 5.61
CA GLU A 76 -19.97 -23.57 6.35
C GLU A 76 -20.65 -22.90 7.54
N LYS A 77 -20.40 -21.61 7.70
CA LYS A 77 -20.98 -20.84 8.79
C LYS A 77 -21.54 -19.54 8.22
N GLU A 78 -20.99 -19.14 7.08
CA GLU A 78 -21.43 -17.94 6.41
C GLU A 78 -22.90 -18.03 5.99
N VAL A 79 -23.44 -19.26 6.00
CA VAL A 79 -24.83 -19.44 5.62
C VAL A 79 -25.69 -18.91 6.75
N GLU A 80 -25.18 -19.01 7.97
CA GLU A 80 -25.90 -18.52 9.14
C GLU A 80 -25.85 -17.02 9.18
N ASP A 81 -24.69 -16.46 8.85
CA ASP A 81 -24.53 -15.01 8.85
C ASP A 81 -25.44 -14.37 7.82
N LEU A 82 -25.57 -15.00 6.66
CA LEU A 82 -26.44 -14.48 5.61
C LEU A 82 -27.89 -14.65 6.06
N LYS A 83 -28.16 -15.75 6.77
CA LYS A 83 -29.50 -16.03 7.25
C LYS A 83 -29.91 -15.00 8.30
N ASN A 84 -28.99 -14.70 9.22
CA ASN A 84 -29.28 -13.74 10.27
C ASN A 84 -29.40 -12.31 9.79
N VAL A 85 -28.90 -12.01 8.59
CA VAL A 85 -29.04 -10.66 8.07
C VAL A 85 -30.45 -10.52 7.48
N LEU A 86 -30.90 -11.56 6.79
CA LEU A 86 -32.23 -11.54 6.15
C LEU A 86 -33.33 -11.66 7.19
N GLU A 87 -33.11 -12.54 8.15
CA GLU A 87 -34.04 -12.80 9.24
C GLU A 87 -34.62 -11.53 9.83
N GLY A 88 -33.76 -10.55 10.08
CA GLY A 88 -34.22 -9.31 10.67
C GLY A 88 -34.77 -8.27 9.71
N LEU A 89 -34.98 -8.62 8.45
CA LEU A 89 -35.52 -7.65 7.49
C LEU A 89 -37.00 -7.90 7.18
N LYS A 90 -37.81 -6.85 7.16
CA LYS A 90 -39.23 -7.01 6.85
C LYS A 90 -39.44 -7.11 5.35
N VAL A 91 -39.19 -8.30 4.79
CA VAL A 91 -39.37 -8.51 3.37
C VAL A 91 -40.08 -9.83 3.11
N ASP A 92 -40.62 -9.97 1.90
CA ASP A 92 -41.35 -11.17 1.50
C ASP A 92 -40.45 -12.15 0.75
N GLY A 93 -39.47 -11.62 0.04
CA GLY A 93 -38.58 -12.48 -0.72
C GLY A 93 -37.21 -11.90 -0.99
N ILE A 94 -36.31 -12.78 -1.43
CA ILE A 94 -34.94 -12.41 -1.76
C ILE A 94 -34.77 -12.51 -3.29
N VAL A 95 -34.02 -11.58 -3.86
CA VAL A 95 -33.76 -11.60 -5.30
C VAL A 95 -32.28 -11.90 -5.53
N ALA A 96 -31.98 -13.02 -6.17
CA ALA A 96 -30.59 -13.41 -6.42
C ALA A 96 -30.25 -13.31 -7.90
N GLY A 97 -28.96 -13.38 -8.21
CA GLY A 97 -28.53 -13.27 -9.60
C GLY A 97 -28.02 -14.52 -10.28
N ALA A 98 -28.28 -15.69 -9.71
CA ALA A 98 -27.81 -16.94 -10.32
C ALA A 98 -28.28 -17.08 -11.77
N LEU A 99 -27.48 -17.77 -12.57
CA LEU A 99 -27.80 -17.97 -13.97
C LEU A 99 -27.75 -19.46 -14.31
N ALA A 100 -26.71 -20.15 -13.85
CA ALA A 100 -26.56 -21.57 -14.13
C ALA A 100 -26.16 -22.41 -12.93
N SER A 101 -25.22 -21.92 -12.12
CA SER A 101 -24.75 -22.67 -10.96
C SER A 101 -25.92 -23.16 -10.12
N ARG A 102 -25.88 -24.44 -9.75
CA ARG A 102 -26.93 -25.05 -8.96
C ARG A 102 -26.57 -25.17 -7.48
N TYR A 103 -25.29 -25.37 -7.18
CA TYR A 103 -24.89 -25.49 -5.78
C TYR A 103 -25.12 -24.17 -5.07
N GLN A 104 -24.95 -23.07 -5.79
CA GLN A 104 -25.15 -21.75 -5.21
C GLN A 104 -26.64 -21.59 -4.89
N LYS A 105 -27.46 -21.85 -5.91
CA LYS A 105 -28.91 -21.75 -5.80
C LYS A 105 -29.42 -22.56 -4.60
N GLU A 106 -28.93 -23.79 -4.46
CA GLU A 106 -29.34 -24.68 -3.38
C GLU A 106 -29.20 -24.01 -2.01
N ARG A 107 -27.99 -23.50 -1.75
CA ARG A 107 -27.68 -22.87 -0.48
C ARG A 107 -28.57 -21.67 -0.18
N ILE A 108 -28.87 -20.90 -1.22
CA ILE A 108 -29.73 -19.72 -1.09
C ILE A 108 -31.21 -20.09 -0.91
N GLU A 109 -31.65 -21.15 -1.57
CA GLU A 109 -33.04 -21.59 -1.45
C GLU A 109 -33.30 -22.15 -0.06
N ASN A 110 -32.26 -22.73 0.55
CA ASN A 110 -32.37 -23.32 1.88
C ASN A 110 -32.48 -22.25 2.98
N VAL A 111 -31.80 -21.13 2.78
CA VAL A 111 -31.88 -20.06 3.78
C VAL A 111 -33.26 -19.43 3.65
N ALA A 112 -33.67 -19.16 2.42
CA ALA A 112 -34.96 -18.56 2.17
C ALA A 112 -36.06 -19.48 2.70
N ARG A 113 -35.87 -20.78 2.50
CA ARG A 113 -36.82 -21.78 2.94
C ARG A 113 -37.07 -21.62 4.43
N GLU A 114 -36.00 -21.76 5.21
CA GLU A 114 -36.08 -21.64 6.66
C GLU A 114 -36.60 -20.28 7.12
N LEU A 115 -36.56 -19.28 6.25
CA LEU A 115 -37.02 -17.94 6.61
C LEU A 115 -38.40 -17.61 6.06
N GLY A 116 -38.97 -18.51 5.26
CA GLY A 116 -40.28 -18.28 4.71
C GLY A 116 -40.27 -17.14 3.71
N LEU A 117 -39.23 -17.12 2.87
CA LEU A 117 -39.10 -16.09 1.86
C LEU A 117 -39.17 -16.68 0.46
N LYS A 118 -39.81 -15.95 -0.45
CA LYS A 118 -39.94 -16.35 -1.83
C LYS A 118 -38.60 -16.05 -2.53
N VAL A 119 -38.08 -17.00 -3.29
CA VAL A 119 -36.82 -16.78 -3.97
C VAL A 119 -37.05 -16.41 -5.44
N TYR A 120 -36.38 -15.36 -5.90
CA TYR A 120 -36.50 -14.91 -7.28
C TYR A 120 -35.13 -14.97 -7.97
N THR A 121 -35.00 -15.81 -8.99
CA THR A 121 -33.74 -15.92 -9.74
C THR A 121 -34.06 -15.59 -11.20
N PRO A 122 -34.12 -14.29 -11.53
CA PRO A 122 -34.42 -13.76 -12.86
C PRO A 122 -33.45 -14.08 -13.99
N ALA A 123 -32.26 -14.57 -13.67
CA ALA A 123 -31.32 -14.90 -14.72
C ALA A 123 -31.26 -16.42 -14.99
N TRP A 124 -32.01 -17.16 -14.17
CA TRP A 124 -31.91 -18.62 -14.17
C TRP A 124 -32.08 -19.31 -15.52
N GLU A 125 -31.11 -20.22 -15.79
CA GLU A 125 -31.22 -21.07 -16.97
C GLU A 125 -31.48 -20.34 -18.28
N LYS A 126 -31.03 -19.07 -18.36
CA LYS A 126 -31.19 -18.37 -19.62
C LYS A 126 -29.92 -18.32 -20.47
N ASP A 127 -29.97 -18.41 -21.80
CA ASP A 127 -28.77 -18.56 -22.61
C ASP A 127 -27.68 -17.54 -22.25
N PRO A 128 -26.48 -18.04 -21.93
CA PRO A 128 -25.35 -17.18 -21.56
C PRO A 128 -25.13 -16.05 -22.57
N TYR A 129 -25.03 -16.42 -23.85
CA TYR A 129 -24.81 -15.44 -24.91
C TYR A 129 -25.97 -14.43 -25.03
N GLN A 130 -27.20 -14.90 -25.14
CA GLN A 130 -28.33 -13.95 -25.23
C GLN A 130 -28.40 -13.12 -23.94
N TYR A 131 -27.95 -13.73 -22.84
CA TYR A 131 -27.92 -13.05 -21.55
C TYR A 131 -26.97 -11.85 -21.62
N MET A 132 -25.74 -12.10 -22.06
CA MET A 132 -24.75 -11.04 -22.20
C MET A 132 -25.28 -9.94 -23.14
N LEU A 133 -25.91 -10.35 -24.24
CA LEU A 133 -26.48 -9.40 -25.19
C LEU A 133 -27.56 -8.54 -24.52
N GLU A 134 -28.40 -9.21 -23.73
CA GLU A 134 -29.48 -8.55 -23.03
C GLU A 134 -28.93 -7.46 -22.12
N ILE A 135 -27.86 -7.79 -21.39
CA ILE A 135 -27.26 -6.81 -20.49
C ILE A 135 -26.74 -5.60 -21.27
N ILE A 136 -26.25 -5.84 -22.48
CA ILE A 136 -25.76 -4.74 -23.30
C ILE A 136 -26.94 -3.90 -23.80
N LYS A 137 -27.99 -4.56 -24.29
CA LYS A 137 -29.17 -3.86 -24.80
C LYS A 137 -29.82 -2.96 -23.75
N LEU A 138 -30.03 -3.51 -22.55
CA LEU A 138 -30.66 -2.77 -21.47
C LEU A 138 -29.88 -1.49 -21.10
N GLY A 139 -28.69 -1.34 -21.66
CA GLY A 139 -27.88 -0.16 -21.37
C GLY A 139 -26.87 -0.28 -20.24
N PHE A 140 -26.51 -1.50 -19.86
CA PHE A 140 -25.54 -1.67 -18.78
C PHE A 140 -24.13 -1.29 -19.23
N LYS A 141 -23.44 -0.51 -18.40
CA LYS A 141 -22.06 -0.14 -18.67
C LYS A 141 -21.31 -1.07 -17.70
N VAL A 142 -20.68 -2.12 -18.24
CA VAL A 142 -19.97 -3.09 -17.42
C VAL A 142 -18.48 -3.22 -17.70
N VAL A 143 -17.71 -3.43 -16.64
CA VAL A 143 -16.27 -3.57 -16.74
C VAL A 143 -15.74 -4.90 -16.18
N PHE A 144 -14.81 -5.52 -16.88
CA PHE A 144 -14.21 -6.76 -16.41
C PHE A 144 -13.17 -6.37 -15.35
N VAL A 145 -13.36 -6.82 -14.12
CA VAL A 145 -12.44 -6.50 -13.03
C VAL A 145 -11.61 -7.68 -12.56
N ALA A 146 -11.77 -8.83 -13.21
CA ALA A 146 -11.01 -10.02 -12.87
C ALA A 146 -11.19 -11.07 -13.94
N VAL A 147 -10.14 -11.84 -14.19
CA VAL A 147 -10.19 -12.94 -15.15
C VAL A 147 -9.37 -14.07 -14.53
N SER A 148 -9.79 -15.30 -14.78
CA SER A 148 -9.11 -16.45 -14.23
C SER A 148 -9.46 -17.70 -15.03
N ALA A 149 -9.11 -17.68 -16.31
CA ALA A 149 -9.39 -18.80 -17.19
C ALA A 149 -8.38 -18.86 -18.32
N TYR A 150 -8.08 -20.09 -18.71
CA TYR A 150 -7.17 -20.37 -19.80
C TYR A 150 -7.80 -19.76 -21.05
N GLY A 151 -7.13 -18.79 -21.65
CA GLY A 151 -7.67 -18.17 -22.85
C GLY A 151 -7.99 -16.70 -22.67
N LEU A 152 -8.17 -16.27 -21.43
CA LEU A 152 -8.44 -14.88 -21.14
C LEU A 152 -7.17 -14.28 -20.58
N ASN A 153 -6.48 -13.48 -21.38
CA ASN A 153 -5.23 -12.87 -20.95
C ASN A 153 -5.45 -11.54 -20.25
N GLU A 154 -4.35 -10.90 -19.90
CA GLU A 154 -4.35 -9.61 -19.23
C GLU A 154 -5.10 -8.45 -19.90
N SER A 155 -5.32 -8.53 -21.21
CA SER A 155 -5.99 -7.43 -21.90
C SER A 155 -7.49 -7.27 -21.59
N TRP A 156 -8.09 -8.21 -20.88
CA TRP A 156 -9.51 -8.05 -20.55
C TRP A 156 -9.72 -7.13 -19.36
N LEU A 157 -8.76 -7.10 -18.45
CA LEU A 157 -8.86 -6.25 -17.27
C LEU A 157 -9.20 -4.81 -17.63
N GLY A 158 -10.28 -4.31 -17.03
CA GLY A 158 -10.69 -2.94 -17.26
C GLY A 158 -11.43 -2.72 -18.56
N ARG A 159 -11.54 -3.76 -19.38
CA ARG A 159 -12.23 -3.63 -20.66
C ARG A 159 -13.73 -3.54 -20.43
N GLU A 160 -14.40 -2.73 -21.25
CA GLU A 160 -15.84 -2.58 -21.10
C GLU A 160 -16.60 -3.51 -22.03
N LEU A 161 -17.57 -4.20 -21.46
CA LEU A 161 -18.41 -5.14 -22.19
C LEU A 161 -19.21 -4.45 -23.28
N ASN A 162 -18.88 -4.74 -24.53
CA ASN A 162 -19.58 -4.16 -25.66
C ASN A 162 -19.81 -5.28 -26.67
N TYR A 163 -20.60 -4.99 -27.70
CA TYR A 163 -20.90 -5.98 -28.73
C TYR A 163 -19.62 -6.59 -29.24
N LYS A 164 -18.62 -5.74 -29.47
CA LYS A 164 -17.32 -6.18 -29.96
C LYS A 164 -16.76 -7.26 -29.03
N ASN A 165 -16.53 -6.87 -27.78
CA ASN A 165 -15.96 -7.79 -26.80
C ASN A 165 -16.75 -9.08 -26.58
N LEU A 166 -18.08 -8.98 -26.63
CA LEU A 166 -18.92 -10.16 -26.42
C LEU A 166 -18.68 -11.25 -27.44
N GLU A 167 -18.64 -10.89 -28.72
CA GLU A 167 -18.39 -11.87 -29.78
C GLU A 167 -17.02 -12.54 -29.54
N GLU A 168 -16.06 -11.76 -29.05
CA GLU A 168 -14.73 -12.30 -28.76
C GLU A 168 -14.79 -13.37 -27.66
N LEU A 169 -15.68 -13.18 -26.69
CA LEU A 169 -15.84 -14.15 -25.61
C LEU A 169 -16.42 -15.43 -26.16
N LYS A 170 -17.39 -15.27 -27.05
CA LYS A 170 -18.03 -16.41 -27.69
C LYS A 170 -16.97 -17.19 -28.45
N LYS A 171 -16.18 -16.48 -29.25
CA LYS A 171 -15.11 -17.12 -30.02
C LYS A 171 -14.15 -17.87 -29.10
N LEU A 172 -13.78 -17.25 -27.99
CA LEU A 172 -12.87 -17.85 -27.03
C LEU A 172 -13.57 -18.92 -26.20
N SER A 173 -14.89 -18.88 -26.18
CA SER A 173 -15.66 -19.86 -25.44
C SER A 173 -15.70 -21.12 -26.30
N GLU A 174 -15.97 -20.91 -27.59
CA GLU A 174 -15.99 -21.95 -28.61
C GLU A 174 -14.57 -22.34 -29.05
N LYS A 175 -13.67 -22.35 -28.06
CA LYS A 175 -12.29 -22.71 -28.36
C LYS A 175 -11.63 -23.28 -27.10
N TYR A 176 -11.68 -22.46 -26.03
CA TYR A 176 -11.06 -22.87 -24.78
C TYR A 176 -12.02 -23.52 -23.78
N GLY A 177 -13.32 -23.31 -24.00
CA GLY A 177 -14.33 -23.84 -23.10
C GLY A 177 -14.72 -22.94 -21.94
N ILE A 178 -14.56 -21.63 -22.10
CA ILE A 178 -14.93 -20.74 -21.02
C ILE A 178 -16.42 -20.41 -21.09
N HIS A 179 -17.04 -20.24 -19.93
CA HIS A 179 -18.46 -19.88 -19.90
C HIS A 179 -18.53 -18.46 -20.41
N ILE A 180 -19.43 -18.19 -21.34
CA ILE A 180 -19.56 -16.86 -21.91
C ILE A 180 -20.03 -15.82 -20.90
N ALA A 181 -20.59 -16.29 -19.78
CA ALA A 181 -21.09 -15.38 -18.75
C ALA A 181 -20.25 -15.35 -17.48
N GLY A 182 -19.05 -15.91 -17.53
CA GLY A 182 -18.17 -15.91 -16.37
C GLY A 182 -18.60 -16.88 -15.29
N GLU A 183 -19.48 -17.81 -15.63
CA GLU A 183 -19.96 -18.80 -14.67
C GLU A 183 -18.76 -19.62 -14.16
N GLY A 184 -18.79 -19.99 -12.89
CA GLY A 184 -17.70 -20.77 -12.33
C GLY A 184 -16.46 -19.96 -11.91
N GLY A 185 -16.45 -18.67 -12.23
CA GLY A 185 -15.32 -17.83 -11.86
C GLY A 185 -14.39 -17.46 -13.01
N GLU A 186 -14.81 -17.67 -14.25
CA GLU A 186 -13.97 -17.34 -15.40
C GLU A 186 -13.56 -15.87 -15.33
N PHE A 187 -14.49 -15.03 -14.89
CA PHE A 187 -14.23 -13.62 -14.74
C PHE A 187 -15.25 -12.96 -13.82
N GLU A 188 -14.93 -11.74 -13.39
CA GLU A 188 -15.79 -10.96 -12.52
C GLU A 188 -16.07 -9.65 -13.22
N THR A 189 -17.20 -9.03 -12.88
CA THR A 189 -17.56 -7.75 -13.49
C THR A 189 -18.01 -6.74 -12.45
N PHE A 190 -17.93 -5.47 -12.85
CA PHE A 190 -18.39 -4.40 -12.03
C PHE A 190 -19.21 -3.47 -12.88
N VAL A 191 -20.39 -3.11 -12.39
CA VAL A 191 -21.32 -2.26 -13.15
C VAL A 191 -21.17 -0.76 -12.85
N LEU A 192 -20.64 -0.01 -13.82
CA LEU A 192 -20.44 1.44 -13.68
C LEU A 192 -21.77 2.19 -13.82
N ASP A 193 -22.69 1.64 -14.60
CA ASP A 193 -23.95 2.33 -14.80
C ASP A 193 -25.02 1.46 -15.47
N MET A 194 -26.26 1.66 -15.05
CA MET A 194 -27.44 0.97 -15.59
C MET A 194 -28.61 1.94 -15.44
N PRO A 195 -29.74 1.69 -16.14
CA PRO A 195 -30.90 2.58 -16.08
C PRO A 195 -31.35 3.11 -14.72
N PHE A 196 -31.35 2.27 -13.69
CA PHE A 196 -31.79 2.74 -12.38
C PHE A 196 -30.78 3.49 -11.52
N PHE A 197 -29.54 3.60 -11.99
CA PHE A 197 -28.52 4.37 -11.26
C PHE A 197 -28.90 5.84 -11.47
N LYS A 198 -28.73 6.65 -10.44
CA LYS A 198 -29.06 8.07 -10.55
C LYS A 198 -27.79 8.79 -10.95
N ALA A 199 -26.68 8.09 -10.80
CA ALA A 199 -25.38 8.65 -11.13
C ALA A 199 -24.53 7.62 -11.82
N LYS A 200 -23.59 8.11 -12.62
CA LYS A 200 -22.66 7.26 -13.32
C LYS A 200 -21.39 7.17 -12.48
N ILE A 201 -20.73 6.02 -12.52
CA ILE A 201 -19.45 5.78 -11.86
C ILE A 201 -18.32 5.80 -12.88
N VAL A 202 -17.61 6.94 -12.89
CA VAL A 202 -16.51 7.12 -13.81
C VAL A 202 -15.20 6.79 -13.11
N ILE A 203 -14.39 5.94 -13.76
CA ILE A 203 -13.14 5.55 -13.14
C ILE A 203 -12.07 6.65 -13.29
N ASP A 204 -11.57 7.13 -12.16
CA ASP A 204 -10.57 8.19 -12.17
C ASP A 204 -9.16 7.59 -12.30
N ASP A 205 -8.90 6.56 -11.49
CA ASP A 205 -7.61 5.89 -11.53
C ASP A 205 -7.70 4.45 -11.04
N ALA A 206 -6.94 3.57 -11.69
CA ALA A 206 -6.93 2.16 -11.32
C ALA A 206 -5.73 1.45 -11.96
N GLU A 207 -5.24 0.40 -11.32
CA GLU A 207 -4.10 -0.35 -11.87
C GLU A 207 -4.43 -1.83 -12.04
N LYS A 208 -3.70 -2.48 -12.93
CA LYS A 208 -3.87 -3.91 -13.19
C LYS A 208 -2.90 -4.74 -12.37
N PHE A 209 -3.26 -6.00 -12.21
CA PHE A 209 -2.45 -6.96 -11.49
C PHE A 209 -2.67 -8.26 -12.24
N TRP A 210 -1.57 -8.85 -12.70
CA TRP A 210 -1.61 -10.08 -13.46
C TRP A 210 -0.58 -10.98 -12.80
N ASP A 211 -1.02 -12.12 -12.29
CA ASP A 211 -0.12 -13.05 -11.62
C ASP A 211 0.46 -14.09 -12.58
N GLY A 212 0.17 -13.97 -13.86
CA GLY A 212 0.68 -14.93 -14.84
C GLY A 212 -0.36 -15.90 -15.38
N LEU A 213 -1.49 -16.03 -14.67
CA LEU A 213 -2.59 -16.91 -15.09
C LEU A 213 -3.93 -16.23 -14.84
N SER A 214 -4.01 -15.45 -13.75
CA SER A 214 -5.22 -14.73 -13.39
C SER A 214 -4.92 -13.23 -13.26
N GLY A 215 -5.96 -12.40 -13.37
CA GLY A 215 -5.77 -10.97 -13.26
C GLY A 215 -6.86 -10.21 -12.51
N LYS A 216 -6.51 -9.00 -12.08
CA LYS A 216 -7.45 -8.15 -11.35
C LYS A 216 -7.33 -6.69 -11.75
N PHE A 217 -8.48 -6.05 -11.88
CA PHE A 217 -8.52 -4.64 -12.20
C PHE A 217 -8.98 -3.96 -10.92
N ILE A 218 -8.04 -3.30 -10.25
CA ILE A 218 -8.30 -2.62 -9.00
C ILE A 218 -8.60 -1.15 -9.26
N ILE A 219 -9.79 -0.70 -8.87
CA ILE A 219 -10.15 0.70 -9.08
C ILE A 219 -9.64 1.54 -7.91
N LYS A 220 -8.62 2.35 -8.19
CA LYS A 220 -8.02 3.22 -7.19
C LYS A 220 -9.00 4.31 -6.72
N ARG A 221 -9.38 5.18 -7.64
CA ARG A 221 -10.28 6.28 -7.33
C ARG A 221 -11.37 6.43 -8.39
N ALA A 222 -12.51 6.98 -8.00
CA ALA A 222 -13.63 7.20 -8.92
C ALA A 222 -14.69 8.06 -8.25
N HIS A 223 -15.48 8.74 -9.05
CA HIS A 223 -16.54 9.59 -8.53
C HIS A 223 -17.85 9.35 -9.28
N LEU A 224 -18.89 10.08 -8.88
CA LEU A 224 -20.21 9.95 -9.49
C LEU A 224 -20.60 11.19 -10.29
N GLU A 225 -21.11 10.96 -11.49
CA GLU A 225 -21.59 12.03 -12.37
C GLU A 225 -23.10 11.82 -12.43
N TRP A 226 -23.82 12.55 -11.58
CA TRP A 226 -25.28 12.42 -11.52
C TRP A 226 -25.95 12.71 -12.86
N LYS A 227 -26.92 11.89 -13.22
CA LYS A 227 -27.64 12.07 -14.47
C LYS A 227 -28.69 13.15 -14.29
N VAL B 2 42.24 7.01 -17.66
CA VAL B 2 42.62 7.71 -16.40
C VAL B 2 41.80 8.95 -16.12
N GLY B 3 42.44 9.95 -15.53
CA GLY B 3 41.77 11.20 -15.19
C GLY B 3 42.76 12.03 -14.38
N LEU B 4 42.35 13.22 -13.93
CA LEU B 4 43.23 14.10 -13.15
C LEU B 4 43.31 13.70 -11.66
N ALA B 5 42.19 13.21 -11.13
CA ALA B 5 42.15 12.79 -9.74
C ALA B 5 40.88 11.97 -9.51
N ASP B 6 41.00 10.93 -8.70
CA ASP B 6 39.88 10.06 -8.36
C ASP B 6 39.06 10.73 -7.24
N VAL B 7 37.75 10.78 -7.39
CA VAL B 7 36.92 11.37 -6.37
C VAL B 7 35.62 10.59 -6.18
N ALA B 8 34.93 10.89 -5.10
CA ALA B 8 33.63 10.29 -4.81
C ALA B 8 32.69 11.49 -4.65
N VAL B 9 31.50 11.40 -5.23
CA VAL B 9 30.53 12.49 -5.19
C VAL B 9 29.35 12.22 -4.24
N LEU B 10 29.17 13.08 -3.23
CA LEU B 10 28.05 12.90 -2.33
C LEU B 10 26.84 13.18 -3.22
N TYR B 11 25.98 12.18 -3.39
CA TYR B 11 24.85 12.28 -4.31
C TYR B 11 23.50 11.99 -3.69
N SER B 12 22.56 12.91 -3.85
CA SER B 12 21.21 12.73 -3.32
C SER B 12 20.16 12.83 -4.42
N GLY B 13 20.58 13.05 -5.65
CA GLY B 13 19.64 13.12 -6.75
C GLY B 13 19.01 14.46 -7.04
N GLY B 14 19.22 15.44 -6.18
CA GLY B 14 18.68 16.76 -6.40
C GLY B 14 19.52 17.50 -7.42
N LYS B 15 19.17 18.76 -7.67
CA LYS B 15 19.90 19.57 -8.64
C LYS B 15 21.33 19.87 -8.20
N ASP B 16 21.53 20.08 -6.91
CA ASP B 16 22.86 20.39 -6.40
C ASP B 16 23.84 19.23 -6.56
N SER B 17 23.42 18.04 -6.17
CA SER B 17 24.30 16.90 -6.30
C SER B 17 24.67 16.71 -7.76
N ASN B 18 23.67 16.73 -8.63
CA ASN B 18 23.95 16.56 -10.04
C ASN B 18 24.76 17.71 -10.64
N TYR B 19 24.59 18.92 -10.13
CA TYR B 19 25.37 20.03 -10.64
C TYR B 19 26.82 19.76 -10.27
N ALA B 20 27.03 19.30 -9.04
CA ALA B 20 28.37 18.98 -8.56
C ALA B 20 28.94 17.83 -9.38
N LEU B 21 28.11 16.84 -9.69
CA LEU B 21 28.57 15.70 -10.48
C LEU B 21 28.99 16.19 -11.86
N TYR B 22 28.13 17.01 -12.47
CA TYR B 22 28.42 17.58 -13.78
C TYR B 22 29.77 18.29 -13.77
N TRP B 23 29.99 19.12 -12.74
CA TRP B 23 31.22 19.90 -12.61
C TRP B 23 32.49 19.05 -12.56
N ALA B 24 32.49 18.03 -11.71
CA ALA B 24 33.62 17.14 -11.57
C ALA B 24 33.95 16.46 -12.91
N LEU B 25 32.94 15.90 -13.58
CA LEU B 25 33.12 15.23 -14.87
C LEU B 25 33.61 16.17 -15.94
N LYS B 26 32.99 17.34 -16.04
CA LYS B 26 33.39 18.31 -17.03
C LYS B 26 34.85 18.75 -16.85
N SER B 27 35.33 18.71 -15.61
CA SER B 27 36.71 19.10 -15.28
C SER B 27 37.73 18.02 -15.54
N GLY B 28 37.28 16.78 -15.75
CA GLY B 28 38.23 15.70 -16.00
C GLY B 28 38.48 14.79 -14.80
N LEU B 29 37.88 15.11 -13.66
CA LEU B 29 38.04 14.28 -12.47
C LEU B 29 37.43 12.91 -12.74
N ARG B 30 38.01 11.86 -12.16
CA ARG B 30 37.42 10.55 -12.36
C ARG B 30 36.53 10.21 -11.15
N VAL B 31 35.22 10.23 -11.37
CA VAL B 31 34.25 9.91 -10.32
C VAL B 31 34.18 8.41 -10.22
N ARG B 32 34.74 7.86 -9.13
CA ARG B 32 34.74 6.41 -8.95
C ARG B 32 33.43 5.91 -8.35
N TYR B 33 32.80 6.74 -7.53
CA TYR B 33 31.57 6.34 -6.86
C TYR B 33 30.64 7.49 -6.54
N LEU B 34 29.35 7.17 -6.48
CA LEU B 34 28.33 8.12 -6.04
C LEU B 34 28.15 7.58 -4.64
N VAL B 35 28.04 8.46 -3.65
CA VAL B 35 27.88 8.04 -2.28
C VAL B 35 26.61 8.64 -1.75
N SER B 36 25.66 7.79 -1.42
CA SER B 36 24.37 8.22 -0.92
C SER B 36 24.19 7.69 0.48
N MET B 37 24.11 8.59 1.44
CA MET B 37 23.95 8.19 2.82
C MET B 37 22.49 8.46 3.19
N VAL B 38 21.86 7.49 3.85
CA VAL B 38 20.47 7.64 4.28
C VAL B 38 20.36 7.35 5.77
N SER B 39 19.58 8.17 6.45
CA SER B 39 19.38 8.04 7.89
C SER B 39 18.01 7.43 8.17
N GLU B 40 17.71 7.23 9.45
CA GLU B 40 16.43 6.66 9.85
C GLU B 40 15.30 7.69 9.84
N ASN B 41 15.62 8.92 9.43
CA ASN B 41 14.63 9.99 9.36
C ASN B 41 14.36 10.36 7.90
N VAL B 52 15.40 7.82 -2.27
CA VAL B 52 16.73 7.39 -2.67
C VAL B 52 16.66 6.24 -3.67
N GLU B 53 15.53 5.52 -3.68
CA GLU B 53 15.37 4.40 -4.61
C GLU B 53 15.43 4.97 -6.02
N LEU B 54 15.33 6.30 -6.09
CA LEU B 54 15.41 7.02 -7.35
C LEU B 54 16.89 7.24 -7.71
N THR B 55 17.75 7.42 -6.70
CA THR B 55 19.19 7.63 -6.95
C THR B 55 19.82 6.44 -7.68
N SER B 56 19.32 5.23 -7.42
CA SER B 56 19.82 4.04 -8.08
C SER B 56 19.50 4.08 -9.58
N LEU B 57 18.36 4.66 -9.93
CA LEU B 57 18.00 4.75 -11.35
C LEU B 57 19.00 5.71 -12.00
N GLN B 58 19.19 6.87 -11.38
CA GLN B 58 20.16 7.84 -11.89
C GLN B 58 21.55 7.19 -11.98
N ALA B 59 21.92 6.42 -10.96
CA ALA B 59 23.23 5.74 -10.95
C ALA B 59 23.31 4.87 -12.19
N ARG B 60 22.24 4.14 -12.48
CA ARG B 60 22.22 3.28 -13.66
C ARG B 60 22.27 4.15 -14.90
N ALA B 61 21.50 5.24 -14.91
CA ALA B 61 21.48 6.15 -16.06
C ALA B 61 22.86 6.75 -16.28
N LEU B 62 23.62 6.90 -15.19
CA LEU B 62 24.97 7.46 -15.29
C LEU B 62 26.04 6.41 -15.57
N GLY B 63 25.81 5.17 -15.14
CA GLY B 63 26.81 4.15 -15.39
C GLY B 63 27.91 4.27 -14.36
N ILE B 64 27.58 4.91 -13.23
CA ILE B 64 28.55 5.09 -12.15
C ILE B 64 28.12 4.32 -10.91
N PRO B 65 29.02 3.50 -10.36
CA PRO B 65 28.69 2.72 -9.16
C PRO B 65 28.17 3.65 -8.08
N ILE B 66 27.18 3.20 -7.32
CA ILE B 66 26.66 4.00 -6.24
C ILE B 66 26.72 3.22 -4.93
N ILE B 67 27.26 3.87 -3.91
CA ILE B 67 27.42 3.26 -2.58
C ILE B 67 26.30 3.69 -1.66
N LYS B 68 25.59 2.70 -1.11
CA LYS B 68 24.49 3.00 -0.20
C LYS B 68 24.90 2.76 1.24
N GLY B 69 24.95 3.84 2.00
CA GLY B 69 25.31 3.74 3.41
C GLY B 69 24.08 4.01 4.25
N PHE B 70 23.88 3.21 5.28
CA PHE B 70 22.72 3.37 6.15
C PHE B 70 23.12 3.60 7.60
N THR B 71 22.56 4.64 8.21
CA THR B 71 22.84 4.96 9.60
C THR B 71 21.60 4.80 10.49
N GLU B 78 24.65 9.84 9.81
CA GLU B 78 25.65 10.36 10.75
C GLU B 78 27.03 10.48 10.10
N VAL B 79 27.79 11.48 10.59
CA VAL B 79 29.13 11.68 10.04
C VAL B 79 30.00 10.43 10.20
N GLU B 80 29.86 9.68 11.28
CA GLU B 80 30.81 8.62 11.58
C GLU B 80 30.65 7.53 10.53
N ASP B 81 29.41 7.33 10.07
CA ASP B 81 29.13 6.32 9.05
C ASP B 81 29.58 6.82 7.67
N LEU B 82 29.55 8.12 7.46
CA LEU B 82 29.98 8.70 6.20
C LEU B 82 31.49 8.51 6.14
N LYS B 83 32.15 8.79 7.26
CA LYS B 83 33.59 8.64 7.34
C LYS B 83 34.00 7.20 7.06
N ASN B 84 33.30 6.23 7.66
CA ASN B 84 33.62 4.83 7.45
C ASN B 84 33.46 4.42 5.98
N VAL B 85 32.40 4.92 5.34
CA VAL B 85 32.16 4.62 3.93
C VAL B 85 33.26 5.20 3.06
N LEU B 86 33.65 6.44 3.35
CA LEU B 86 34.69 7.11 2.57
C LEU B 86 36.10 6.61 2.89
N GLU B 87 36.31 6.14 4.12
CA GLU B 87 37.62 5.68 4.56
C GLU B 87 38.20 4.54 3.74
N GLY B 88 37.36 3.57 3.40
CA GLY B 88 37.84 2.43 2.62
C GLY B 88 37.87 2.62 1.11
N LEU B 89 37.83 3.87 0.65
CA LEU B 89 37.85 4.19 -0.78
C LEU B 89 39.16 4.77 -1.30
N LYS B 90 39.57 4.33 -2.49
CA LYS B 90 40.79 4.84 -3.10
C LYS B 90 40.48 6.08 -3.94
N VAL B 91 40.21 7.19 -3.26
CA VAL B 91 39.93 8.44 -3.93
C VAL B 91 40.83 9.51 -3.32
N ASP B 92 40.96 10.65 -4.01
CA ASP B 92 41.79 11.73 -3.54
C ASP B 92 40.96 12.83 -2.92
N GLY B 93 39.68 12.85 -3.27
CA GLY B 93 38.80 13.87 -2.71
C GLY B 93 37.32 13.54 -2.81
N ILE B 94 36.52 14.43 -2.22
CA ILE B 94 35.07 14.30 -2.22
C ILE B 94 34.50 15.56 -2.83
N VAL B 95 33.40 15.39 -3.56
CA VAL B 95 32.70 16.49 -4.20
C VAL B 95 31.36 16.64 -3.51
N ALA B 96 31.11 17.81 -2.95
CA ALA B 96 29.85 18.06 -2.26
C ALA B 96 28.97 19.00 -3.07
N GLY B 97 27.66 18.77 -3.00
CA GLY B 97 26.73 19.61 -3.71
C GLY B 97 26.11 20.60 -2.75
N ALA B 98 26.69 21.80 -2.68
CA ALA B 98 26.21 22.87 -1.80
C ALA B 98 26.48 24.26 -2.37
N LEU B 99 25.43 25.06 -2.48
CA LEU B 99 25.55 26.43 -3.00
C LEU B 99 26.19 27.34 -1.96
N GLN B 104 27.17 21.54 9.31
CA GLN B 104 26.53 21.51 8.00
C GLN B 104 27.54 21.24 6.89
N LYS B 105 27.97 22.30 6.20
CA LYS B 105 28.96 22.17 5.13
C LYS B 105 30.30 21.68 5.68
N GLU B 106 30.75 22.30 6.76
CA GLU B 106 32.04 21.94 7.35
C GLU B 106 32.12 20.57 8.00
N ARG B 107 30.99 19.97 8.35
CA ARG B 107 31.03 18.63 8.95
C ARG B 107 31.62 17.69 7.90
N ILE B 108 31.41 18.03 6.63
CA ILE B 108 31.93 17.25 5.51
C ILE B 108 33.41 17.58 5.35
N GLU B 109 33.75 18.84 5.60
CA GLU B 109 35.13 19.27 5.53
C GLU B 109 35.88 18.56 6.65
N ASN B 110 35.26 18.52 7.82
CA ASN B 110 35.87 17.87 8.98
C ASN B 110 36.19 16.41 8.63
N VAL B 111 35.25 15.74 7.98
CA VAL B 111 35.43 14.36 7.59
C VAL B 111 36.61 14.22 6.64
N ALA B 112 36.61 15.06 5.61
CA ALA B 112 37.67 15.04 4.61
C ALA B 112 39.06 15.21 5.20
N ARG B 113 39.23 16.22 6.06
CA ARG B 113 40.53 16.47 6.66
C ARG B 113 41.09 15.25 7.40
N GLU B 114 40.27 14.63 8.24
CA GLU B 114 40.72 13.46 8.99
C GLU B 114 41.10 12.29 8.10
N LEU B 115 40.57 12.24 6.89
CA LEU B 115 40.89 11.16 5.97
C LEU B 115 41.97 11.58 4.97
N GLY B 116 42.42 12.83 5.04
CA GLY B 116 43.42 13.31 4.12
C GLY B 116 42.83 13.42 2.71
N LEU B 117 41.56 13.80 2.64
CA LEU B 117 40.88 13.95 1.36
C LEU B 117 40.59 15.41 1.08
N LYS B 118 40.69 15.80 -0.18
CA LYS B 118 40.41 17.17 -0.58
C LYS B 118 38.90 17.31 -0.70
N VAL B 119 38.40 18.53 -0.51
CA VAL B 119 36.97 18.79 -0.60
C VAL B 119 36.69 19.73 -1.78
N TYR B 120 35.62 19.44 -2.50
CA TYR B 120 35.22 20.26 -3.64
C TYR B 120 33.76 20.65 -3.42
N THR B 121 33.48 21.94 -3.50
CA THR B 121 32.11 22.44 -3.33
C THR B 121 31.86 23.46 -4.45
N PRO B 122 31.92 23.00 -5.71
CA PRO B 122 31.72 23.78 -6.94
C PRO B 122 30.60 24.81 -7.04
N ALA B 123 29.53 24.63 -6.26
CA ALA B 123 28.40 25.55 -6.31
C ALA B 123 28.50 26.70 -5.30
N TRP B 124 29.53 26.65 -4.46
CA TRP B 124 29.75 27.65 -3.41
C TRP B 124 29.74 29.13 -3.83
N GLU B 125 29.02 29.93 -3.03
CA GLU B 125 28.92 31.37 -3.22
C GLU B 125 28.35 31.94 -4.52
N LYS B 126 28.10 31.08 -5.51
CA LYS B 126 27.59 31.58 -6.78
C LYS B 126 26.14 32.04 -6.61
N ASP B 127 25.80 33.13 -7.27
CA ASP B 127 24.46 33.70 -7.21
C ASP B 127 23.33 32.70 -7.44
N PRO B 128 22.31 32.74 -6.58
CA PRO B 128 21.15 31.83 -6.68
C PRO B 128 20.43 31.91 -8.02
N TYR B 129 20.20 33.13 -8.50
CA TYR B 129 19.51 33.30 -9.77
C TYR B 129 20.32 32.82 -10.96
N GLN B 130 21.59 33.21 -11.02
CA GLN B 130 22.43 32.76 -12.13
C GLN B 130 22.56 31.25 -12.08
N TYR B 131 22.69 30.73 -10.87
CA TYR B 131 22.81 29.30 -10.64
C TYR B 131 21.67 28.51 -11.29
N MET B 132 20.44 28.99 -11.10
CA MET B 132 19.28 28.32 -11.68
C MET B 132 19.25 28.47 -13.20
N LEU B 133 19.64 29.65 -13.68
CA LEU B 133 19.67 29.90 -15.12
C LEU B 133 20.69 29.00 -15.78
N GLU B 134 21.83 28.82 -15.13
CA GLU B 134 22.88 27.96 -15.68
C GLU B 134 22.38 26.51 -15.81
N ILE B 135 21.75 26.01 -14.75
CA ILE B 135 21.22 24.64 -14.75
C ILE B 135 20.31 24.38 -15.94
N ILE B 136 19.47 25.36 -16.24
CA ILE B 136 18.54 25.24 -17.38
C ILE B 136 19.34 25.39 -18.67
N LYS B 137 20.24 26.36 -18.69
CA LYS B 137 21.07 26.59 -19.88
C LYS B 137 21.75 25.27 -20.28
N LEU B 138 22.43 24.64 -19.33
CA LEU B 138 23.14 23.38 -19.60
C LEU B 138 22.29 22.20 -20.04
N GLY B 139 20.97 22.32 -19.96
CA GLY B 139 20.12 21.22 -20.37
C GLY B 139 19.67 20.25 -19.28
N PHE B 140 19.69 20.67 -18.02
CA PHE B 140 19.23 19.80 -16.95
C PHE B 140 17.70 19.72 -17.04
N LYS B 141 17.15 18.57 -16.70
CA LYS B 141 15.70 18.40 -16.66
C LYS B 141 15.45 18.14 -15.19
N VAL B 142 15.08 19.20 -14.48
CA VAL B 142 14.84 19.15 -13.06
C VAL B 142 13.36 19.30 -12.72
N VAL B 143 12.92 18.54 -11.73
CA VAL B 143 11.53 18.56 -11.29
C VAL B 143 11.42 18.84 -9.79
N PHE B 144 10.47 19.68 -9.42
CA PHE B 144 10.25 20.03 -8.03
C PHE B 144 9.50 18.86 -7.37
N VAL B 145 10.07 18.25 -6.33
CA VAL B 145 9.38 17.13 -5.67
C VAL B 145 8.92 17.44 -4.26
N ALA B 146 9.09 18.70 -3.85
CA ALA B 146 8.66 19.12 -2.52
C ALA B 146 8.78 20.63 -2.30
N VAL B 147 7.81 21.18 -1.57
CA VAL B 147 7.82 22.59 -1.23
C VAL B 147 7.40 22.66 0.24
N SER B 148 7.93 23.64 0.95
CA SER B 148 7.62 23.81 2.36
C SER B 148 8.03 25.22 2.75
N ALA B 149 7.27 26.19 2.26
CA ALA B 149 7.54 27.58 2.55
C ALA B 149 6.34 28.45 2.24
N TYR B 150 6.16 29.46 3.06
CA TYR B 150 5.08 30.40 2.86
C TYR B 150 5.23 30.99 1.45
N GLY B 151 4.17 30.97 0.66
CA GLY B 151 4.27 31.52 -0.69
C GLY B 151 4.41 30.47 -1.77
N LEU B 152 4.74 29.25 -1.39
CA LEU B 152 4.87 28.15 -2.34
C LEU B 152 3.72 27.22 -2.07
N ASN B 153 2.81 27.12 -3.03
CA ASN B 153 1.63 26.27 -2.86
C ASN B 153 1.77 24.95 -3.61
N GLU B 154 0.69 24.17 -3.63
CA GLU B 154 0.67 22.86 -4.27
C GLU B 154 0.97 22.87 -5.78
N SER B 155 0.72 23.98 -6.46
CA SER B 155 0.92 24.02 -7.91
C SER B 155 2.37 23.84 -8.36
N TRP B 156 3.31 23.91 -7.42
CA TRP B 156 4.72 23.74 -7.74
C TRP B 156 5.17 22.30 -7.84
N LEU B 157 4.44 21.41 -7.15
CA LEU B 157 4.79 19.99 -7.17
C LEU B 157 4.72 19.40 -8.56
N GLY B 158 5.82 18.79 -9.00
CA GLY B 158 5.85 18.17 -10.32
C GLY B 158 6.26 19.09 -11.45
N ARG B 159 6.26 20.40 -11.22
CA ARG B 159 6.65 21.33 -12.28
C ARG B 159 8.10 21.12 -12.66
N GLU B 160 8.44 21.38 -13.91
CA GLU B 160 9.81 21.25 -14.36
C GLU B 160 10.47 22.60 -14.22
N LEU B 161 11.76 22.62 -13.93
CA LEU B 161 12.46 23.90 -13.82
C LEU B 161 12.79 24.40 -15.22
N ASN B 162 12.17 25.50 -15.61
CA ASN B 162 12.39 26.06 -16.94
C ASN B 162 12.35 27.57 -16.82
N TYR B 163 12.76 28.27 -17.88
CA TYR B 163 12.78 29.73 -17.86
C TYR B 163 11.49 30.33 -17.34
N LYS B 164 10.35 29.83 -17.79
CA LYS B 164 9.06 30.35 -17.34
C LYS B 164 8.88 30.21 -15.81
N ASN B 165 9.02 28.98 -15.31
CA ASN B 165 8.84 28.75 -13.88
C ASN B 165 9.90 29.43 -13.00
N LEU B 166 11.12 29.59 -13.51
CA LEU B 166 12.15 30.24 -12.73
C LEU B 166 11.77 31.70 -12.45
N GLU B 167 11.29 32.40 -13.48
CA GLU B 167 10.88 33.80 -13.32
C GLU B 167 9.76 33.92 -12.28
N GLU B 168 8.79 33.01 -12.36
CA GLU B 168 7.70 33.04 -11.40
C GLU B 168 8.26 32.84 -10.01
N LEU B 169 9.15 31.87 -9.87
CA LEU B 169 9.79 31.59 -8.58
C LEU B 169 10.49 32.86 -8.16
N LYS B 170 11.20 33.49 -9.10
CA LYS B 170 11.91 34.72 -8.81
C LYS B 170 10.99 35.76 -8.19
N LYS B 171 9.88 36.08 -8.87
CA LYS B 171 8.93 37.05 -8.33
C LYS B 171 8.56 36.63 -6.90
N LEU B 172 8.20 35.36 -6.76
CA LEU B 172 7.82 34.81 -5.46
C LEU B 172 8.92 35.00 -4.44
N SER B 173 10.18 34.93 -4.88
CA SER B 173 11.30 35.11 -3.96
C SER B 173 11.42 36.54 -3.49
N GLU B 174 11.23 37.49 -4.41
CA GLU B 174 11.34 38.92 -4.09
C GLU B 174 10.16 39.39 -3.26
N LYS B 175 9.08 38.65 -3.28
CA LYS B 175 7.88 39.00 -2.52
C LYS B 175 7.83 38.41 -1.12
N TYR B 176 8.16 37.13 -1.00
CA TYR B 176 8.13 36.45 0.30
C TYR B 176 9.51 36.10 0.85
N GLY B 177 10.55 36.47 0.11
CA GLY B 177 11.91 36.19 0.54
C GLY B 177 12.36 34.74 0.53
N ILE B 178 11.68 33.87 -0.20
CA ILE B 178 12.12 32.47 -0.21
C ILE B 178 13.34 32.33 -1.10
N HIS B 179 14.28 31.48 -0.71
CA HIS B 179 15.50 31.27 -1.50
C HIS B 179 15.25 30.69 -2.89
N ILE B 180 15.69 31.41 -3.92
CA ILE B 180 15.51 31.00 -5.32
C ILE B 180 16.13 29.65 -5.67
N ALA B 181 17.10 29.22 -4.87
CA ALA B 181 17.74 27.93 -5.12
C ALA B 181 17.24 26.94 -4.07
N GLY B 182 16.22 27.37 -3.33
CA GLY B 182 15.66 26.54 -2.28
C GLY B 182 16.71 26.31 -1.22
N GLU B 183 17.71 27.19 -1.15
CA GLU B 183 18.79 27.05 -0.18
C GLU B 183 18.29 26.98 1.26
N GLY B 184 17.28 27.77 1.59
CA GLY B 184 16.74 27.74 2.94
C GLY B 184 15.94 26.48 3.17
N GLY B 185 15.82 25.65 2.15
CA GLY B 185 15.05 24.42 2.30
C GLY B 185 13.58 24.60 1.97
N GLU B 186 13.27 25.63 1.17
CA GLU B 186 11.89 25.89 0.79
C GLU B 186 11.39 24.92 -0.27
N PHE B 187 12.29 24.10 -0.80
CA PHE B 187 11.90 23.10 -1.79
C PHE B 187 13.01 22.11 -2.15
N GLU B 188 12.60 20.99 -2.73
CA GLU B 188 13.54 19.97 -3.15
C GLU B 188 13.29 19.64 -4.62
N THR B 189 14.33 19.20 -5.29
CA THR B 189 14.22 18.86 -6.67
C THR B 189 14.74 17.45 -6.95
N PHE B 190 14.46 16.98 -8.16
CA PHE B 190 14.92 15.68 -8.61
C PHE B 190 15.31 15.86 -10.07
N VAL B 191 16.46 15.32 -10.45
CA VAL B 191 16.98 15.45 -11.80
C VAL B 191 16.64 14.27 -12.70
N LEU B 192 15.86 14.52 -13.76
CA LEU B 192 15.48 13.48 -14.69
C LEU B 192 16.56 13.30 -15.76
N ASP B 193 17.30 14.38 -16.03
CA ASP B 193 18.33 14.32 -17.06
C ASP B 193 19.35 15.45 -16.94
N MET B 194 20.58 15.17 -17.34
CA MET B 194 21.68 16.13 -17.33
C MET B 194 22.68 15.65 -18.39
N PRO B 195 23.49 16.56 -18.96
CA PRO B 195 24.44 16.16 -20.01
C PRO B 195 25.26 14.88 -19.83
N PHE B 196 25.37 14.37 -18.61
CA PHE B 196 26.17 13.14 -18.42
C PHE B 196 25.37 11.87 -18.18
N PHE B 197 24.04 12.00 -18.15
CA PHE B 197 23.17 10.83 -17.99
C PHE B 197 23.25 10.13 -19.34
N LYS B 198 23.31 8.81 -19.35
CA LYS B 198 23.37 8.08 -20.61
C LYS B 198 21.95 7.80 -21.06
N ALA B 199 21.01 7.98 -20.13
CA ALA B 199 19.59 7.77 -20.40
C ALA B 199 18.77 8.78 -19.61
N LYS B 200 17.57 9.06 -20.09
CA LYS B 200 16.69 10.00 -19.42
C LYS B 200 15.74 9.22 -18.54
N ILE B 201 15.34 9.82 -17.42
CA ILE B 201 14.39 9.18 -16.54
C ILE B 201 13.01 9.71 -16.93
N VAL B 202 12.05 8.82 -17.14
CA VAL B 202 10.70 9.22 -17.51
C VAL B 202 9.73 8.78 -16.44
N ILE B 203 9.01 9.75 -15.89
CA ILE B 203 8.05 9.49 -14.84
C ILE B 203 6.74 8.97 -15.42
N ASP B 204 6.42 7.72 -15.12
CA ASP B 204 5.18 7.13 -15.63
C ASP B 204 4.03 7.51 -14.70
N ASP B 205 4.18 7.17 -13.42
CA ASP B 205 3.15 7.48 -12.45
C ASP B 205 3.73 8.28 -11.28
N ALA B 206 3.00 9.31 -10.89
CA ALA B 206 3.41 10.18 -9.79
C ALA B 206 2.19 10.66 -9.02
N GLU B 207 2.36 10.83 -7.71
CA GLU B 207 1.28 11.25 -6.84
C GLU B 207 1.61 12.52 -6.04
N LYS B 208 0.68 13.47 -6.06
CA LYS B 208 0.83 14.73 -5.33
C LYS B 208 0.31 14.61 -3.90
N PHE B 209 1.06 15.17 -2.96
CA PHE B 209 0.67 15.15 -1.56
C PHE B 209 0.83 16.54 -0.95
N TRP B 210 -0.28 17.13 -0.54
CA TRP B 210 -0.29 18.45 0.06
C TRP B 210 -0.92 18.35 1.44
N ASP B 211 -0.16 18.71 2.48
CA ASP B 211 -0.68 18.63 3.85
C ASP B 211 -1.29 19.93 4.37
N GLY B 212 -1.32 20.95 3.54
CA GLY B 212 -1.89 22.23 3.96
C GLY B 212 -0.85 23.34 4.02
N LEU B 213 0.41 22.97 4.30
CA LEU B 213 1.49 23.94 4.38
C LEU B 213 2.64 23.55 3.49
N SER B 214 2.89 22.25 3.40
CA SER B 214 3.96 21.71 2.58
C SER B 214 3.40 20.67 1.62
N GLY B 215 4.21 20.28 0.64
CA GLY B 215 3.76 19.29 -0.32
C GLY B 215 4.89 18.44 -0.84
N LYS B 216 4.54 17.26 -1.35
CA LYS B 216 5.53 16.35 -1.90
C LYS B 216 5.03 15.78 -3.21
N PHE B 217 5.97 15.37 -4.06
CA PHE B 217 5.67 14.77 -5.35
C PHE B 217 6.41 13.46 -5.31
N ILE B 218 5.66 12.38 -5.07
CA ILE B 218 6.25 11.04 -4.97
C ILE B 218 6.20 10.35 -6.32
N ILE B 219 7.36 10.00 -6.86
CA ILE B 219 7.41 9.32 -8.14
C ILE B 219 7.17 7.82 -7.90
N LYS B 220 6.07 7.31 -8.42
CA LYS B 220 5.70 5.91 -8.24
C LYS B 220 6.41 4.98 -9.22
N ARG B 221 6.13 5.19 -10.50
CA ARG B 221 6.72 4.39 -11.56
C ARG B 221 7.50 5.29 -12.50
N ALA B 222 8.61 4.78 -13.01
CA ALA B 222 9.46 5.53 -13.93
C ALA B 222 10.35 4.56 -14.67
N HIS B 223 10.95 5.02 -15.76
CA HIS B 223 11.83 4.15 -16.52
C HIS B 223 12.88 4.94 -17.27
N LEU B 224 13.89 4.24 -17.76
CA LEU B 224 14.96 4.87 -18.50
C LEU B 224 14.72 4.74 -20.00
N GLU B 225 15.19 5.74 -20.74
CA GLU B 225 15.10 5.75 -22.19
C GLU B 225 16.48 6.20 -22.64
N TRP B 226 17.27 5.24 -23.09
CA TRP B 226 18.64 5.50 -23.51
C TRP B 226 18.81 6.49 -24.64
N LYS B 227 19.84 7.33 -24.52
CA LYS B 227 20.16 8.33 -25.52
C LYS B 227 20.93 7.68 -26.66
N GLY C 3 -39.08 -9.19 19.52
CA GLY C 3 -38.20 -9.57 20.66
C GLY C 3 -37.75 -8.37 21.44
N LEU C 4 -38.28 -8.18 22.65
CA LEU C 4 -37.94 -7.04 23.48
C LEU C 4 -36.47 -6.64 23.49
N ALA C 5 -35.58 -7.59 23.29
CA ALA C 5 -34.16 -7.29 23.31
C ALA C 5 -33.57 -6.87 21.97
N ASP C 6 -34.37 -6.90 20.91
CA ASP C 6 -33.90 -6.55 19.57
C ASP C 6 -33.89 -5.07 19.22
N VAL C 7 -32.70 -4.55 18.91
CA VAL C 7 -32.54 -3.14 18.56
C VAL C 7 -31.58 -2.88 17.42
N ALA C 8 -31.63 -1.65 16.94
CA ALA C 8 -30.75 -1.17 15.87
C ALA C 8 -30.04 -0.01 16.54
N VAL C 9 -28.74 0.15 16.28
CA VAL C 9 -27.96 1.23 16.86
C VAL C 9 -27.54 2.21 15.77
N LEU C 10 -27.73 3.51 16.00
CA LEU C 10 -27.31 4.51 15.02
C LEU C 10 -25.78 4.59 15.24
N TYR C 11 -25.02 4.25 14.21
CA TYR C 11 -23.56 4.18 14.32
C TYR C 11 -22.82 5.14 13.38
N SER C 12 -21.84 5.87 13.90
CA SER C 12 -21.07 6.81 13.09
C SER C 12 -19.57 6.60 13.23
N GLY C 13 -19.18 5.68 14.10
CA GLY C 13 -17.76 5.39 14.26
C GLY C 13 -17.00 6.18 15.31
N GLY C 14 -17.58 7.27 15.78
CA GLY C 14 -16.95 8.08 16.80
C GLY C 14 -17.16 7.44 18.17
N LYS C 15 -16.57 8.06 19.19
CA LYS C 15 -16.67 7.53 20.55
C LYS C 15 -18.11 7.39 21.06
N ASP C 16 -18.98 8.34 20.68
CA ASP C 16 -20.39 8.35 21.09
C ASP C 16 -21.19 7.15 20.60
N SER C 17 -21.12 6.89 19.30
CA SER C 17 -21.82 5.76 18.72
C SER C 17 -21.35 4.48 19.39
N ASN C 18 -20.04 4.35 19.53
CA ASN C 18 -19.47 3.17 20.14
C ASN C 18 -19.83 3.02 21.61
N TYR C 19 -19.97 4.13 22.32
CA TYR C 19 -20.38 4.07 23.72
C TYR C 19 -21.83 3.58 23.73
N ALA C 20 -22.65 4.12 22.84
CA ALA C 20 -24.04 3.68 22.75
C ALA C 20 -24.13 2.17 22.52
N LEU C 21 -23.33 1.67 21.58
CA LEU C 21 -23.34 0.24 21.26
C LEU C 21 -22.79 -0.59 22.43
N TYR C 22 -21.77 -0.07 23.09
CA TYR C 22 -21.17 -0.77 24.22
C TYR C 22 -22.24 -1.00 25.29
N TRP C 23 -23.02 0.05 25.55
CA TRP C 23 -24.09 0.00 26.54
C TRP C 23 -25.12 -1.05 26.17
N ALA C 24 -25.65 -1.00 24.95
CA ALA C 24 -26.65 -1.97 24.50
C ALA C 24 -26.15 -3.42 24.64
N LEU C 25 -24.96 -3.68 24.13
CA LEU C 25 -24.40 -5.02 24.20
C LEU C 25 -24.20 -5.41 25.66
N LYS C 26 -23.68 -4.45 26.44
CA LYS C 26 -23.45 -4.66 27.87
C LYS C 26 -24.78 -4.92 28.60
N SER C 27 -25.83 -4.18 28.23
CA SER C 27 -27.15 -4.32 28.85
C SER C 27 -27.81 -5.63 28.46
N GLY C 28 -27.19 -6.37 27.54
CA GLY C 28 -27.79 -7.62 27.12
C GLY C 28 -28.75 -7.50 25.95
N LEU C 29 -28.83 -6.32 25.33
CA LEU C 29 -29.72 -6.16 24.18
C LEU C 29 -29.11 -6.89 22.99
N ARG C 30 -29.96 -7.26 22.03
CA ARG C 30 -29.48 -7.96 20.86
C ARG C 30 -29.39 -6.95 19.71
N VAL C 31 -28.17 -6.53 19.39
CA VAL C 31 -27.99 -5.56 18.32
C VAL C 31 -27.96 -6.29 16.98
N ARG C 32 -29.05 -6.18 16.23
CA ARG C 32 -29.17 -6.84 14.93
C ARG C 32 -28.58 -6.04 13.77
N TYR C 33 -28.49 -4.73 13.93
CA TYR C 33 -27.95 -3.89 12.86
C TYR C 33 -27.35 -2.57 13.33
N LEU C 34 -26.29 -2.15 12.66
CA LEU C 34 -25.69 -0.86 12.92
C LEU C 34 -26.30 -0.09 11.74
N VAL C 35 -26.78 1.12 11.99
CA VAL C 35 -27.37 1.93 10.93
C VAL C 35 -26.57 3.23 10.83
N SER C 36 -26.01 3.46 9.66
CA SER C 36 -25.21 4.65 9.43
C SER C 36 -25.78 5.47 8.28
N MET C 37 -26.25 6.67 8.58
CA MET C 37 -26.80 7.53 7.54
C MET C 37 -25.76 8.56 7.13
N VAL C 38 -25.49 8.65 5.84
CA VAL C 38 -24.52 9.60 5.34
C VAL C 38 -25.20 10.67 4.47
N SER C 39 -24.71 11.90 4.57
CA SER C 39 -25.20 12.99 3.73
C SER C 39 -24.03 13.67 3.03
N GLU C 40 -24.37 14.56 2.09
CA GLU C 40 -23.32 15.27 1.35
C GLU C 40 -22.29 15.88 2.30
N GLU C 53 -15.38 2.95 4.30
CA GLU C 53 -14.19 2.22 4.71
C GLU C 53 -14.14 2.04 6.24
N LEU C 54 -13.99 3.15 6.96
CA LEU C 54 -13.87 3.10 8.41
C LEU C 54 -14.99 2.39 9.18
N THR C 55 -16.21 2.92 9.15
CA THR C 55 -17.31 2.26 9.87
C THR C 55 -17.55 0.82 9.44
N SER C 56 -17.09 0.47 8.24
CA SER C 56 -17.24 -0.89 7.73
C SER C 56 -16.18 -1.80 8.38
N LEU C 57 -15.04 -1.21 8.73
CA LEU C 57 -13.98 -1.96 9.39
C LEU C 57 -14.46 -2.25 10.80
N GLN C 58 -15.09 -1.27 11.42
CA GLN C 58 -15.62 -1.45 12.76
C GLN C 58 -16.73 -2.49 12.72
N ALA C 59 -17.62 -2.37 11.73
CA ALA C 59 -18.70 -3.34 11.60
C ALA C 59 -18.10 -4.74 11.48
N ARG C 60 -17.04 -4.86 10.69
CA ARG C 60 -16.42 -6.16 10.53
C ARG C 60 -15.82 -6.67 11.85
N ALA C 61 -15.17 -5.78 12.59
CA ALA C 61 -14.55 -6.14 13.87
C ALA C 61 -15.57 -6.59 14.88
N LEU C 62 -16.77 -5.99 14.79
CA LEU C 62 -17.87 -6.28 15.69
C LEU C 62 -18.67 -7.50 15.27
N GLY C 63 -18.62 -7.83 13.98
CA GLY C 63 -19.40 -8.96 13.52
C GLY C 63 -20.86 -8.57 13.47
N ILE C 64 -21.14 -7.27 13.39
CA ILE C 64 -22.52 -6.81 13.31
C ILE C 64 -22.80 -6.15 11.97
N PRO C 65 -23.82 -6.65 11.27
CA PRO C 65 -24.24 -6.13 9.96
C PRO C 65 -24.41 -4.61 10.03
N ILE C 66 -23.85 -3.88 9.07
CA ILE C 66 -24.03 -2.43 9.07
C ILE C 66 -24.84 -2.00 7.86
N ILE C 67 -25.82 -1.13 8.09
CA ILE C 67 -26.66 -0.63 7.02
C ILE C 67 -26.28 0.80 6.63
N LYS C 68 -25.93 0.98 5.36
CA LYS C 68 -25.57 2.31 4.89
C LYS C 68 -26.70 2.90 4.07
N GLY C 69 -27.18 4.04 4.55
CA GLY C 69 -28.25 4.75 3.88
C GLY C 69 -27.62 6.05 3.43
N PHE C 70 -28.04 6.56 2.29
CA PHE C 70 -27.46 7.80 1.79
C PHE C 70 -28.52 8.87 1.60
N THR C 71 -28.12 10.13 1.61
CA THR C 71 -29.09 11.20 1.44
C THR C 71 -28.47 12.50 1.00
N LYS C 72 -29.33 13.44 0.63
CA LYS C 72 -28.92 14.77 0.17
C LYS C 72 -30.16 15.53 -0.30
N LYS C 77 -35.92 15.93 5.27
CA LYS C 77 -35.39 15.20 4.12
C LYS C 77 -34.61 13.94 4.53
N GLU C 78 -33.54 14.13 5.30
CA GLU C 78 -32.75 13.00 5.76
C GLU C 78 -33.48 12.27 6.88
N VAL C 79 -34.45 12.96 7.48
CA VAL C 79 -35.25 12.36 8.54
C VAL C 79 -36.12 11.27 7.94
N GLU C 80 -36.58 11.51 6.72
CA GLU C 80 -37.41 10.55 6.00
C GLU C 80 -36.57 9.32 5.66
N ASP C 81 -35.42 9.56 5.05
CA ASP C 81 -34.53 8.46 4.66
C ASP C 81 -34.20 7.57 5.85
N LEU C 82 -33.94 8.17 7.00
CA LEU C 82 -33.63 7.40 8.19
C LEU C 82 -34.85 6.51 8.52
N LYS C 83 -36.03 7.13 8.59
CA LYS C 83 -37.25 6.38 8.89
C LYS C 83 -37.44 5.26 7.87
N ASN C 84 -37.10 5.53 6.61
CA ASN C 84 -37.23 4.53 5.56
C ASN C 84 -36.33 3.33 5.89
N VAL C 85 -35.10 3.60 6.33
CA VAL C 85 -34.20 2.51 6.68
C VAL C 85 -34.71 1.71 7.87
N LEU C 86 -35.11 2.43 8.92
CA LEU C 86 -35.60 1.80 10.13
C LEU C 86 -36.93 1.07 10.04
N GLU C 87 -37.78 1.51 9.13
CA GLU C 87 -39.10 0.92 8.95
C GLU C 87 -39.08 -0.57 8.64
N GLY C 88 -38.09 -0.99 7.85
CA GLY C 88 -38.02 -2.38 7.45
C GLY C 88 -37.28 -3.34 8.34
N LEU C 89 -36.89 -2.91 9.54
CA LEU C 89 -36.15 -3.79 10.43
C LEU C 89 -37.00 -4.35 11.56
N LYS C 90 -36.74 -5.60 11.89
CA LYS C 90 -37.49 -6.26 12.95
C LYS C 90 -36.84 -6.02 14.32
N VAL C 91 -36.92 -4.79 14.80
CA VAL C 91 -36.39 -4.41 16.10
C VAL C 91 -37.48 -3.74 16.92
N ASP C 92 -37.31 -3.70 18.23
CA ASP C 92 -38.24 -3.12 19.19
C ASP C 92 -37.83 -1.70 19.56
N GLY C 93 -36.55 -1.41 19.31
CA GLY C 93 -36.03 -0.11 19.67
C GLY C 93 -34.78 0.32 18.91
N ILE C 94 -34.41 1.58 19.10
CA ILE C 94 -33.22 2.11 18.46
C ILE C 94 -32.38 2.82 19.52
N VAL C 95 -31.09 2.54 19.51
CA VAL C 95 -30.19 3.15 20.45
C VAL C 95 -29.40 4.23 19.73
N ALA C 96 -29.39 5.43 20.31
CA ALA C 96 -28.69 6.58 19.75
C ALA C 96 -27.59 7.02 20.72
N GLY C 97 -26.59 7.74 20.21
CA GLY C 97 -25.50 8.19 21.05
C GLY C 97 -25.50 9.65 21.47
N ALA C 98 -26.63 10.33 21.32
CA ALA C 98 -26.73 11.74 21.69
C ALA C 98 -26.25 12.01 23.12
N LEU C 99 -25.41 13.03 23.27
CA LEU C 99 -24.87 13.38 24.58
C LEU C 99 -25.61 14.53 25.23
N ALA C 100 -25.81 15.63 24.49
CA ALA C 100 -26.51 16.78 25.03
C ALA C 100 -27.37 17.57 24.03
N SER C 101 -27.30 17.23 22.75
CA SER C 101 -28.08 17.95 21.74
C SER C 101 -29.55 17.54 21.73
N ARG C 102 -30.42 18.44 22.17
CA ARG C 102 -31.86 18.17 22.20
C ARG C 102 -32.44 18.00 20.81
N TYR C 103 -31.92 18.77 19.85
CA TYR C 103 -32.39 18.70 18.48
C TYR C 103 -32.29 17.28 17.93
N GLN C 104 -31.09 16.70 17.99
CA GLN C 104 -30.86 15.34 17.48
C GLN C 104 -31.76 14.36 18.22
N LYS C 105 -31.79 14.50 19.55
CA LYS C 105 -32.59 13.60 20.36
C LYS C 105 -34.08 13.71 20.02
N GLU C 106 -34.57 14.91 19.79
CA GLU C 106 -35.98 15.08 19.47
C GLU C 106 -36.35 14.43 18.15
N ARG C 107 -35.53 14.63 17.12
CA ARG C 107 -35.80 14.04 15.82
C ARG C 107 -35.77 12.52 15.86
N ILE C 108 -34.84 11.95 16.63
CA ILE C 108 -34.75 10.51 16.73
C ILE C 108 -35.93 9.93 17.52
N GLU C 109 -36.34 10.62 18.59
CA GLU C 109 -37.46 10.15 19.39
C GLU C 109 -38.77 10.28 18.61
N ASN C 110 -38.87 11.29 17.75
CA ASN C 110 -40.05 11.49 16.92
C ASN C 110 -40.16 10.39 15.88
N VAL C 111 -39.01 10.01 15.32
CA VAL C 111 -38.97 8.96 14.30
C VAL C 111 -39.33 7.61 14.93
N ALA C 112 -38.83 7.36 16.14
CA ALA C 112 -39.12 6.10 16.82
C ALA C 112 -40.62 5.98 17.10
N ARG C 113 -41.20 7.06 17.57
CA ARG C 113 -42.62 7.12 17.89
C ARG C 113 -43.44 6.77 16.65
N GLU C 114 -43.12 7.41 15.54
CA GLU C 114 -43.82 7.17 14.28
C GLU C 114 -43.75 5.72 13.82
N LEU C 115 -42.79 4.96 14.34
CA LEU C 115 -42.64 3.56 13.95
C LEU C 115 -43.01 2.62 15.08
N GLY C 116 -43.39 3.19 16.22
CA GLY C 116 -43.75 2.37 17.36
C GLY C 116 -42.52 1.71 17.96
N LEU C 117 -41.40 2.44 17.96
CA LEU C 117 -40.16 1.91 18.51
C LEU C 117 -39.74 2.60 19.80
N LYS C 118 -39.07 1.86 20.67
CA LYS C 118 -38.55 2.41 21.91
C LYS C 118 -37.27 3.15 21.54
N VAL C 119 -36.85 4.09 22.37
CA VAL C 119 -35.63 4.85 22.09
C VAL C 119 -34.70 4.83 23.28
N TYR C 120 -33.44 4.51 23.05
CA TYR C 120 -32.46 4.49 24.12
C TYR C 120 -31.38 5.54 23.88
N THR C 121 -31.10 6.33 24.91
CA THR C 121 -30.08 7.36 24.81
C THR C 121 -29.26 7.28 26.08
N PRO C 122 -28.46 6.21 26.21
CA PRO C 122 -27.57 5.90 27.35
C PRO C 122 -26.52 6.94 27.72
N ALA C 123 -26.17 7.79 26.76
CA ALA C 123 -25.18 8.82 27.02
C ALA C 123 -25.81 10.12 27.46
N TRP C 124 -27.12 10.24 27.26
CA TRP C 124 -27.86 11.45 27.58
C TRP C 124 -27.48 12.26 28.82
N GLU C 125 -27.11 13.51 28.58
CA GLU C 125 -26.74 14.46 29.61
C GLU C 125 -25.83 14.00 30.76
N LYS C 126 -24.93 13.06 30.49
CA LYS C 126 -24.02 12.65 31.56
C LYS C 126 -22.81 13.58 31.49
N ASP C 127 -22.21 13.88 32.64
CA ASP C 127 -21.07 14.79 32.69
C ASP C 127 -19.98 14.54 31.62
N PRO C 128 -19.63 15.58 30.85
CA PRO C 128 -18.61 15.55 29.79
C PRO C 128 -17.30 14.91 30.22
N TYR C 129 -16.63 15.54 31.18
CA TYR C 129 -15.36 15.07 31.70
C TYR C 129 -15.41 13.64 32.26
N GLN C 130 -16.42 13.33 33.07
CA GLN C 130 -16.54 11.98 33.63
C GLN C 130 -16.79 11.00 32.50
N TYR C 131 -17.51 11.48 31.50
CA TYR C 131 -17.81 10.67 30.33
C TYR C 131 -16.48 10.28 29.67
N MET C 132 -15.62 11.26 29.40
CA MET C 132 -14.34 10.98 28.78
C MET C 132 -13.51 10.04 29.64
N LEU C 133 -13.57 10.19 30.97
CA LEU C 133 -12.81 9.31 31.87
C LEU C 133 -13.32 7.88 31.78
N GLU C 134 -14.64 7.72 31.73
CA GLU C 134 -15.26 6.41 31.62
C GLU C 134 -14.87 5.72 30.31
N ILE C 135 -14.91 6.46 29.21
CA ILE C 135 -14.52 5.90 27.92
C ILE C 135 -13.16 5.22 28.08
N ILE C 136 -12.21 5.97 28.63
CA ILE C 136 -10.85 5.47 28.84
C ILE C 136 -10.84 4.26 29.77
N LYS C 137 -11.50 4.39 30.91
CA LYS C 137 -11.55 3.32 31.90
C LYS C 137 -12.06 2.01 31.32
N LEU C 138 -13.07 2.10 30.47
CA LEU C 138 -13.67 0.92 29.83
C LEU C 138 -12.78 0.20 28.81
N GLY C 139 -11.61 0.74 28.53
CA GLY C 139 -10.72 0.09 27.58
C GLY C 139 -10.79 0.59 26.14
N PHE C 140 -11.55 1.65 25.91
CA PHE C 140 -11.71 2.24 24.56
C PHE C 140 -10.43 2.81 23.99
N LYS C 141 -10.18 2.51 22.72
CA LYS C 141 -9.03 3.04 22.01
C LYS C 141 -9.62 4.07 21.05
N VAL C 142 -9.54 5.34 21.41
CA VAL C 142 -10.08 6.40 20.59
C VAL C 142 -9.00 7.38 20.12
N VAL C 143 -9.09 7.77 18.85
CA VAL C 143 -8.11 8.69 18.28
C VAL C 143 -8.78 9.93 17.70
N PHE C 144 -8.09 11.06 17.81
CA PHE C 144 -8.58 12.34 17.29
C PHE C 144 -8.33 12.41 15.78
N VAL C 145 -9.40 12.42 14.99
CA VAL C 145 -9.26 12.46 13.54
C VAL C 145 -9.55 13.82 12.94
N ALA C 146 -9.90 14.78 13.79
CA ALA C 146 -10.17 16.13 13.34
C ALA C 146 -10.11 17.09 14.52
N VAL C 147 -9.61 18.30 14.26
CA VAL C 147 -9.54 19.34 15.29
C VAL C 147 -9.83 20.66 14.60
N SER C 148 -10.63 21.51 15.24
CA SER C 148 -10.93 22.82 14.69
C SER C 148 -11.26 23.80 15.80
N ALA C 149 -10.27 24.10 16.62
CA ALA C 149 -10.48 25.02 17.72
C ALA C 149 -9.19 25.63 18.24
N TYR C 150 -9.23 26.94 18.44
CA TYR C 150 -8.09 27.67 18.98
C TYR C 150 -7.77 26.93 20.25
N GLY C 151 -6.48 26.61 20.43
CA GLY C 151 -6.07 25.89 21.62
C GLY C 151 -5.59 24.50 21.24
N LEU C 152 -6.29 23.89 20.28
CA LEU C 152 -5.94 22.55 19.82
C LEU C 152 -5.02 22.66 18.59
N ASN C 153 -3.76 22.29 18.78
CA ASN C 153 -2.81 22.36 17.70
C ASN C 153 -2.78 21.04 16.93
N GLU C 154 -1.87 20.95 15.95
CA GLU C 154 -1.78 19.77 15.13
C GLU C 154 -1.34 18.51 15.86
N SER C 155 -0.75 18.63 17.04
CA SER C 155 -0.28 17.46 17.76
C SER C 155 -1.40 16.51 18.20
N TRP C 156 -2.64 16.98 18.14
CA TRP C 156 -3.78 16.14 18.51
C TRP C 156 -4.18 15.20 17.40
N LEU C 157 -3.84 15.55 16.16
CA LEU C 157 -4.18 14.72 15.01
C LEU C 157 -3.55 13.34 15.10
N GLY C 158 -4.40 12.31 15.14
CA GLY C 158 -3.92 10.94 15.20
C GLY C 158 -3.57 10.55 16.63
N ARG C 159 -3.76 11.47 17.56
CA ARG C 159 -3.44 11.22 18.96
C ARG C 159 -4.47 10.32 19.62
N GLU C 160 -3.99 9.45 20.51
CA GLU C 160 -4.84 8.51 21.21
C GLU C 160 -5.27 9.01 22.59
N LEU C 161 -6.57 8.97 22.85
CA LEU C 161 -7.12 9.43 24.12
C LEU C 161 -6.68 8.52 25.27
N ASN C 162 -5.95 9.09 26.22
CA ASN C 162 -5.50 8.37 27.41
C ASN C 162 -5.63 9.37 28.56
N TYR C 163 -5.38 8.93 29.80
CA TYR C 163 -5.51 9.82 30.95
C TYR C 163 -4.61 11.05 30.84
N LYS C 164 -3.34 10.82 30.52
CA LYS C 164 -2.38 11.90 30.39
C LYS C 164 -2.93 13.06 29.54
N ASN C 165 -3.35 12.78 28.30
CA ASN C 165 -3.85 13.86 27.45
C ASN C 165 -5.27 14.32 27.76
N LEU C 166 -6.06 13.47 28.39
CA LEU C 166 -7.41 13.88 28.76
C LEU C 166 -7.24 15.08 29.71
N GLU C 167 -6.25 14.99 30.57
CA GLU C 167 -5.95 16.06 31.52
C GLU C 167 -5.47 17.28 30.74
N GLU C 168 -4.54 17.04 29.82
CA GLU C 168 -3.99 18.09 28.99
C GLU C 168 -5.15 18.80 28.28
N LEU C 169 -6.16 18.03 27.89
CA LEU C 169 -7.29 18.62 27.20
C LEU C 169 -8.18 19.40 28.17
N LYS C 170 -8.48 18.81 29.34
CA LYS C 170 -9.31 19.47 30.34
C LYS C 170 -8.80 20.89 30.60
N LYS C 171 -7.49 21.01 30.79
CA LYS C 171 -6.88 22.31 31.03
C LYS C 171 -7.13 23.28 29.88
N LEU C 172 -7.15 22.76 28.65
CA LEU C 172 -7.41 23.59 27.49
C LEU C 172 -8.86 24.07 27.47
N SER C 173 -9.74 23.29 28.09
CA SER C 173 -11.14 23.65 28.15
C SER C 173 -11.38 24.70 29.23
N GLU C 174 -10.42 24.81 30.14
CA GLU C 174 -10.52 25.76 31.24
C GLU C 174 -9.83 27.06 30.87
N LYS C 175 -9.09 27.06 29.77
CA LYS C 175 -8.36 28.23 29.32
C LYS C 175 -8.88 28.75 27.98
N TYR C 176 -9.50 27.87 27.21
CA TYR C 176 -10.04 28.25 25.90
C TYR C 176 -11.54 28.02 25.77
N GLY C 177 -12.10 27.30 26.73
CA GLY C 177 -13.54 27.04 26.74
C GLY C 177 -14.04 26.07 25.70
N ILE C 178 -13.23 25.07 25.37
CA ILE C 178 -13.61 24.06 24.39
C ILE C 178 -14.32 22.92 25.09
N HIS C 179 -15.43 22.46 24.54
CA HIS C 179 -16.12 21.36 25.16
C HIS C 179 -15.19 20.16 25.25
N ILE C 180 -15.09 19.55 26.42
CA ILE C 180 -14.20 18.41 26.61
C ILE C 180 -14.55 17.16 25.81
N ALA C 181 -15.82 17.02 25.44
CA ALA C 181 -16.24 15.87 24.64
C ALA C 181 -16.42 16.34 23.21
N GLY C 182 -16.07 17.59 22.96
CA GLY C 182 -16.17 18.15 21.63
C GLY C 182 -17.56 18.42 21.08
N GLU C 183 -18.53 18.62 21.96
CA GLU C 183 -19.92 18.90 21.54
C GLU C 183 -20.02 20.16 20.69
N GLY C 184 -19.14 21.13 20.96
CA GLY C 184 -19.17 22.36 20.19
C GLY C 184 -18.57 22.17 18.81
N GLY C 185 -18.13 20.94 18.52
CA GLY C 185 -17.55 20.65 17.23
C GLY C 185 -16.05 20.93 17.16
N GLU C 186 -15.41 21.06 18.32
CA GLU C 186 -13.98 21.33 18.31
C GLU C 186 -13.13 20.14 17.86
N PHE C 187 -13.74 18.96 17.75
CA PHE C 187 -13.01 17.78 17.28
C PHE C 187 -13.89 16.56 17.00
N GLU C 188 -13.31 15.59 16.30
CA GLU C 188 -14.02 14.36 15.96
C GLU C 188 -13.14 13.19 16.35
N THR C 189 -13.76 12.10 16.78
CA THR C 189 -13.02 10.91 17.17
C THR C 189 -13.40 9.70 16.34
N PHE C 190 -12.51 8.71 16.34
CA PHE C 190 -12.72 7.45 15.66
C PHE C 190 -12.23 6.37 16.60
N VAL C 191 -13.02 5.32 16.76
CA VAL C 191 -12.70 4.23 17.68
C VAL C 191 -11.99 3.04 17.03
N LEU C 192 -10.74 2.80 17.43
CA LEU C 192 -9.98 1.69 16.88
C LEU C 192 -10.30 0.40 17.61
N ASP C 193 -10.74 0.51 18.85
CA ASP C 193 -11.05 -0.69 19.62
C ASP C 193 -11.86 -0.37 20.87
N MET C 194 -12.71 -1.32 21.26
CA MET C 194 -13.53 -1.19 22.46
C MET C 194 -13.86 -2.62 22.88
N PRO C 195 -14.37 -2.80 24.12
CA PRO C 195 -14.71 -4.12 24.64
C PRO C 195 -15.38 -5.16 23.73
N PHE C 196 -16.34 -4.75 22.92
CA PHE C 196 -17.01 -5.72 22.06
C PHE C 196 -16.42 -5.96 20.67
N PHE C 197 -15.34 -5.26 20.33
CA PHE C 197 -14.66 -5.45 19.05
C PHE C 197 -13.98 -6.82 19.16
N LYS C 198 -13.97 -7.59 18.08
CA LYS C 198 -13.33 -8.91 18.08
C LYS C 198 -11.95 -8.78 17.47
N ALA C 199 -11.68 -7.60 16.95
CA ALA C 199 -10.41 -7.28 16.34
C ALA C 199 -10.13 -5.80 16.48
N LYS C 200 -8.86 -5.47 16.70
CA LYS C 200 -8.42 -4.11 16.84
C LYS C 200 -8.21 -3.53 15.44
N ILE C 201 -8.51 -2.26 15.25
CA ILE C 201 -8.26 -1.65 13.95
C ILE C 201 -6.86 -1.12 14.13
N VAL C 202 -5.96 -1.49 13.24
CA VAL C 202 -4.58 -1.01 13.33
C VAL C 202 -4.25 -0.22 12.08
N ILE C 203 -3.90 1.05 12.27
CA ILE C 203 -3.57 1.95 11.19
C ILE C 203 -2.17 1.64 10.65
N ASP C 204 -2.09 1.44 9.34
CA ASP C 204 -0.82 1.14 8.69
C ASP C 204 -0.22 2.38 8.05
N ASP C 205 -1.09 3.29 7.61
CA ASP C 205 -0.64 4.52 6.99
C ASP C 205 -1.69 5.62 7.09
N ALA C 206 -1.24 6.80 7.52
CA ALA C 206 -2.11 7.94 7.65
C ALA C 206 -1.39 9.24 7.34
N GLU C 207 -2.14 10.23 6.87
CA GLU C 207 -1.58 11.54 6.54
C GLU C 207 -2.37 12.63 7.25
N LYS C 208 -1.69 13.72 7.57
CA LYS C 208 -2.34 14.82 8.25
C LYS C 208 -2.48 16.05 7.38
N PHE C 209 -3.64 16.69 7.47
CA PHE C 209 -3.85 17.93 6.76
C PHE C 209 -3.93 18.93 7.90
N TRP C 210 -3.22 20.04 7.76
CA TRP C 210 -3.21 21.06 8.80
C TRP C 210 -2.80 22.36 8.14
N ASP C 211 -3.71 23.33 8.14
CA ASP C 211 -3.44 24.63 7.54
C ASP C 211 -2.97 25.62 8.60
N GLY C 212 -2.71 25.12 9.81
CA GLY C 212 -2.25 25.98 10.89
C GLY C 212 -3.35 26.39 11.85
N LEU C 213 -4.59 26.02 11.57
CA LEU C 213 -5.71 26.36 12.44
C LEU C 213 -6.67 25.20 12.60
N SER C 214 -6.85 24.43 11.53
CA SER C 214 -7.75 23.28 11.54
C SER C 214 -7.08 22.12 10.83
N GLY C 215 -7.42 20.90 11.23
CA GLY C 215 -6.81 19.76 10.59
C GLY C 215 -7.64 18.49 10.55
N LYS C 216 -7.07 17.47 9.91
CA LYS C 216 -7.73 16.19 9.76
C LYS C 216 -6.67 15.09 9.81
N PHE C 217 -7.03 13.95 10.36
CA PHE C 217 -6.14 12.80 10.39
C PHE C 217 -6.84 11.83 9.44
N ILE C 218 -6.20 11.50 8.32
CA ILE C 218 -6.84 10.63 7.36
C ILE C 218 -6.17 9.25 7.28
N ILE C 219 -6.90 8.23 7.68
CA ILE C 219 -6.41 6.87 7.67
C ILE C 219 -6.48 6.41 6.22
N LYS C 220 -5.32 6.07 5.66
CA LYS C 220 -5.28 5.64 4.27
C LYS C 220 -5.30 4.12 4.15
N ARG C 221 -4.56 3.45 5.03
CA ARG C 221 -4.47 2.00 5.02
C ARG C 221 -4.55 1.45 6.44
N ALA C 222 -5.40 0.43 6.63
CA ALA C 222 -5.58 -0.18 7.94
C ALA C 222 -6.00 -1.64 7.78
N HIS C 223 -5.79 -2.44 8.82
CA HIS C 223 -6.19 -3.83 8.79
C HIS C 223 -6.73 -4.21 10.16
N LEU C 224 -7.47 -5.32 10.22
CA LEU C 224 -8.00 -5.78 11.48
C LEU C 224 -7.01 -6.77 12.07
N GLU C 225 -6.78 -6.65 13.38
CA GLU C 225 -5.88 -7.53 14.10
C GLU C 225 -6.76 -8.26 15.10
N TRP C 226 -7.16 -9.48 14.74
CA TRP C 226 -8.05 -10.29 15.56
C TRP C 226 -7.56 -10.69 16.93
N LYS C 227 -8.43 -10.49 17.92
CA LYS C 227 -8.14 -10.85 19.29
C LYS C 227 -8.24 -12.37 19.41
N LEU D 4 42.65 -10.11 10.22
CA LEU D 4 42.78 -8.62 10.22
C LEU D 4 42.81 -8.05 8.81
N ALA D 5 42.53 -8.90 7.82
CA ALA D 5 42.52 -8.45 6.44
C ALA D 5 41.15 -7.82 6.12
N ASP D 6 41.16 -6.68 5.43
CA ASP D 6 39.91 -6.02 5.04
C ASP D 6 39.46 -6.61 3.70
N VAL D 7 38.17 -6.95 3.58
CA VAL D 7 37.67 -7.54 2.34
C VAL D 7 36.31 -7.05 1.85
N ALA D 8 36.04 -7.34 0.59
CA ALA D 8 34.78 -7.01 -0.06
C ALA D 8 34.11 -8.35 -0.35
N VAL D 9 32.79 -8.38 -0.26
CA VAL D 9 32.00 -9.58 -0.51
C VAL D 9 30.99 -9.42 -1.66
N LEU D 10 31.14 -10.22 -2.72
CA LEU D 10 30.22 -10.19 -3.85
C LEU D 10 28.91 -10.69 -3.25
N TYR D 11 27.90 -9.81 -3.24
CA TYR D 11 26.63 -10.12 -2.62
C TYR D 11 25.42 -9.96 -3.54
N SER D 12 24.60 -11.00 -3.65
CA SER D 12 23.42 -10.93 -4.50
C SER D 12 22.13 -11.07 -3.71
N GLY D 13 22.25 -11.34 -2.42
CA GLY D 13 21.06 -11.49 -1.58
C GLY D 13 20.68 -12.94 -1.32
N GLY D 14 21.09 -13.84 -2.20
CA GLY D 14 20.80 -15.26 -2.06
C GLY D 14 21.55 -15.95 -0.92
N LYS D 15 21.25 -17.22 -0.71
CA LYS D 15 21.88 -17.99 0.35
C LYS D 15 23.41 -18.10 0.19
N ASP D 16 23.87 -18.30 -1.03
CA ASP D 16 25.30 -18.45 -1.28
C ASP D 16 26.05 -17.20 -0.81
N SER D 17 25.58 -16.03 -1.27
CA SER D 17 26.20 -14.77 -0.89
C SER D 17 26.19 -14.64 0.62
N ASN D 18 25.04 -14.92 1.22
CA ASN D 18 24.97 -14.79 2.65
C ASN D 18 25.81 -15.84 3.37
N TYR D 19 26.01 -17.01 2.76
CA TYR D 19 26.84 -18.04 3.39
C TYR D 19 28.29 -17.60 3.33
N ALA D 20 28.65 -16.95 2.23
CA ALA D 20 30.01 -16.45 2.07
C ALA D 20 30.29 -15.34 3.09
N LEU D 21 29.35 -14.42 3.27
CA LEU D 21 29.52 -13.32 4.22
C LEU D 21 29.68 -13.89 5.62
N TYR D 22 28.79 -14.81 5.98
CA TYR D 22 28.82 -15.46 7.28
C TYR D 22 30.20 -16.04 7.50
N TRP D 23 30.67 -16.82 6.54
CA TRP D 23 31.97 -17.45 6.65
C TRP D 23 33.07 -16.41 6.87
N ALA D 24 33.07 -15.35 6.07
CA ALA D 24 34.08 -14.32 6.19
C ALA D 24 34.06 -13.71 7.59
N LEU D 25 32.88 -13.34 8.06
CA LEU D 25 32.75 -12.75 9.39
C LEU D 25 33.08 -13.73 10.52
N LYS D 26 32.75 -15.00 10.31
CA LYS D 26 33.02 -16.04 11.30
C LYS D 26 34.54 -16.20 11.43
N SER D 27 35.25 -15.98 10.32
CA SER D 27 36.70 -16.11 10.29
C SER D 27 37.39 -14.85 10.80
N GLY D 28 36.61 -13.89 11.27
CA GLY D 28 37.22 -12.67 11.77
C GLY D 28 37.67 -11.66 10.73
N LEU D 29 37.35 -11.92 9.45
CA LEU D 29 37.73 -10.97 8.42
C LEU D 29 36.85 -9.75 8.63
N ARG D 30 37.30 -8.60 8.17
CA ARG D 30 36.50 -7.41 8.31
C ARG D 30 35.91 -7.10 6.94
N VAL D 31 34.58 -7.16 6.84
CA VAL D 31 33.92 -6.90 5.58
C VAL D 31 33.65 -5.41 5.45
N ARG D 32 34.40 -4.73 4.60
CA ARG D 32 34.23 -3.29 4.41
C ARG D 32 33.10 -2.96 3.48
N TYR D 33 32.84 -3.84 2.50
CA TYR D 33 31.77 -3.60 1.55
C TYR D 33 31.11 -4.85 0.99
N LEU D 34 29.84 -4.69 0.62
CA LEU D 34 29.09 -5.74 -0.02
C LEU D 34 29.06 -5.13 -1.43
N VAL D 35 29.39 -5.93 -2.45
CA VAL D 35 29.40 -5.45 -3.82
C VAL D 35 28.37 -6.24 -4.64
N SER D 36 27.37 -5.55 -5.15
CA SER D 36 26.31 -6.17 -5.92
C SER D 36 26.25 -5.62 -7.33
N MET D 37 26.62 -6.45 -8.31
CA MET D 37 26.60 -6.05 -9.71
C MET D 37 25.30 -6.53 -10.34
N VAL D 38 24.66 -5.68 -11.11
CA VAL D 38 23.41 -6.06 -11.78
C VAL D 38 23.44 -5.64 -13.24
N SER D 39 22.96 -6.55 -14.10
CA SER D 39 22.93 -6.32 -15.54
C SER D 39 21.70 -5.55 -15.97
N LEU D 54 15.94 -4.74 -2.02
CA LEU D 54 15.99 -5.92 -1.16
C LEU D 54 17.36 -6.08 -0.52
N THR D 55 18.41 -6.04 -1.34
CA THR D 55 19.76 -6.18 -0.80
C THR D 55 20.14 -4.96 0.05
N SER D 56 19.46 -3.84 -0.17
CA SER D 56 19.70 -2.63 0.61
C SER D 56 19.18 -2.91 2.01
N LEU D 57 18.12 -3.69 2.08
CA LEU D 57 17.54 -4.06 3.36
C LEU D 57 18.53 -4.92 4.14
N GLN D 58 19.12 -5.90 3.46
CA GLN D 58 20.09 -6.78 4.10
C GLN D 58 21.30 -5.98 4.54
N ALA D 59 21.79 -5.14 3.64
CA ALA D 59 22.94 -4.27 3.91
C ALA D 59 22.67 -3.45 5.19
N ARG D 60 21.48 -2.86 5.28
CA ARG D 60 21.15 -2.08 6.45
C ARG D 60 21.13 -3.00 7.68
N ALA D 61 20.61 -4.20 7.52
CA ALA D 61 20.53 -5.15 8.62
C ALA D 61 21.92 -5.61 9.10
N LEU D 62 22.89 -5.58 8.18
CA LEU D 62 24.26 -5.98 8.47
C LEU D 62 25.15 -4.82 8.92
N GLY D 63 24.64 -3.61 8.78
CA GLY D 63 25.42 -2.45 9.17
C GLY D 63 26.64 -2.32 8.27
N ILE D 64 26.54 -2.81 7.04
CA ILE D 64 27.65 -2.77 6.07
C ILE D 64 27.17 -2.03 4.81
N PRO D 65 27.98 -1.10 4.29
CA PRO D 65 27.57 -0.38 3.08
C PRO D 65 27.54 -1.34 1.89
N ILE D 66 26.64 -1.09 0.94
CA ILE D 66 26.56 -1.95 -0.22
C ILE D 66 26.82 -1.13 -1.47
N ILE D 67 27.51 -1.73 -2.43
CA ILE D 67 27.85 -1.05 -3.66
C ILE D 67 27.10 -1.66 -4.83
N LYS D 68 26.37 -0.82 -5.57
CA LYS D 68 25.63 -1.28 -6.73
C LYS D 68 26.41 -0.93 -8.00
N GLY D 69 26.86 -1.96 -8.72
CA GLY D 69 27.60 -1.74 -9.95
C GLY D 69 26.72 -2.04 -11.15
N PHE D 70 27.05 -1.46 -12.29
CA PHE D 70 26.25 -1.66 -13.49
C PHE D 70 27.10 -2.11 -14.67
N THR D 71 26.57 -3.03 -15.46
CA THR D 71 27.30 -3.55 -16.61
C THR D 71 26.35 -3.98 -17.73
N VAL D 79 32.36 -7.92 -16.25
CA VAL D 79 33.74 -8.36 -16.10
C VAL D 79 34.69 -7.20 -15.85
N GLU D 80 34.73 -6.27 -16.80
CA GLU D 80 35.59 -5.12 -16.67
C GLU D 80 34.95 -4.10 -15.72
N ASP D 81 33.63 -4.15 -15.61
CA ASP D 81 32.92 -3.22 -14.72
C ASP D 81 33.15 -3.61 -13.27
N LEU D 82 33.13 -4.92 -13.01
CA LEU D 82 33.35 -5.43 -11.66
C LEU D 82 34.73 -4.96 -11.22
N LYS D 83 35.70 -5.10 -12.11
CA LYS D 83 37.06 -4.69 -11.83
C LYS D 83 37.12 -3.22 -11.42
N ASN D 84 36.51 -2.35 -12.23
CA ASN D 84 36.52 -0.92 -11.92
C ASN D 84 35.84 -0.60 -10.62
N VAL D 85 34.93 -1.47 -10.17
CA VAL D 85 34.27 -1.22 -8.89
C VAL D 85 35.24 -1.64 -7.77
N LEU D 86 35.93 -2.76 -7.95
CA LEU D 86 36.85 -3.25 -6.94
C LEU D 86 38.18 -2.51 -6.87
N GLU D 87 38.60 -1.91 -7.98
CA GLU D 87 39.86 -1.19 -8.02
C GLU D 87 39.89 0.05 -7.13
N GLY D 88 38.71 0.65 -6.90
CA GLY D 88 38.66 1.83 -6.07
C GLY D 88 38.46 1.54 -4.60
N LEU D 89 38.61 0.28 -4.20
CA LEU D 89 38.40 -0.08 -2.80
C LEU D 89 39.66 -0.47 -2.06
N LYS D 90 39.71 -0.12 -0.78
CA LYS D 90 40.84 -0.45 0.07
C LYS D 90 40.56 -1.74 0.81
N VAL D 91 40.69 -2.86 0.09
CA VAL D 91 40.47 -4.17 0.67
C VAL D 91 41.69 -4.99 0.26
N ASP D 92 41.93 -6.08 0.99
CA ASP D 92 43.06 -6.94 0.69
C ASP D 92 42.57 -8.17 -0.07
N GLY D 93 41.26 -8.31 -0.16
CA GLY D 93 40.72 -9.45 -0.87
C GLY D 93 39.22 -9.44 -1.09
N ILE D 94 38.76 -10.45 -1.81
CA ILE D 94 37.36 -10.59 -2.13
C ILE D 94 36.82 -12.00 -1.90
N VAL D 95 35.63 -12.06 -1.32
CA VAL D 95 34.96 -13.33 -1.06
C VAL D 95 33.82 -13.42 -2.08
N ALA D 96 33.73 -14.57 -2.74
CA ALA D 96 32.68 -14.78 -3.73
C ALA D 96 31.62 -15.72 -3.18
N GLY D 97 30.39 -15.56 -3.66
CA GLY D 97 29.31 -16.44 -3.23
C GLY D 97 28.86 -17.34 -4.38
N ALA D 98 29.71 -18.30 -4.75
CA ALA D 98 29.42 -19.21 -5.87
C ALA D 98 29.75 -20.70 -5.57
N LEU D 99 28.70 -21.52 -5.78
CA LEU D 99 28.80 -22.98 -5.47
C LEU D 99 29.58 -23.90 -6.49
N ALA D 100 29.31 -23.72 -7.77
CA ALA D 100 29.96 -24.52 -8.81
C ALA D 100 29.84 -23.89 -10.19
N SER D 101 30.97 -23.43 -10.73
CA SER D 101 31.06 -22.83 -12.06
C SER D 101 32.47 -22.35 -12.36
N ARG D 102 33.18 -23.12 -13.21
CA ARG D 102 34.54 -22.75 -13.57
C ARG D 102 34.61 -21.31 -14.08
N TYR D 103 33.65 -21.05 -15.00
CA TYR D 103 33.47 -19.74 -15.61
C TYR D 103 33.53 -18.60 -14.60
N GLN D 104 32.45 -18.47 -13.81
CA GLN D 104 32.35 -17.43 -12.78
C GLN D 104 33.62 -17.33 -11.95
N LYS D 105 33.86 -18.37 -11.16
CA LYS D 105 35.02 -18.46 -10.30
C LYS D 105 36.29 -18.05 -11.02
N GLU D 106 36.48 -18.59 -12.21
CA GLU D 106 37.65 -18.31 -13.02
C GLU D 106 37.86 -16.83 -13.28
N ARG D 107 36.88 -16.18 -13.90
CA ARG D 107 36.99 -14.76 -14.21
C ARG D 107 37.23 -13.87 -13.00
N ILE D 108 36.61 -14.21 -11.87
CA ILE D 108 36.77 -13.42 -10.66
C ILE D 108 38.20 -13.54 -10.12
N GLU D 109 38.69 -14.77 -9.99
CA GLU D 109 40.05 -14.98 -9.50
C GLU D 109 41.03 -14.28 -10.43
N ASN D 110 40.71 -14.27 -11.72
CA ASN D 110 41.55 -13.62 -12.70
C ASN D 110 41.51 -12.11 -12.43
N VAL D 111 40.31 -11.59 -12.14
CA VAL D 111 40.13 -10.17 -11.84
C VAL D 111 40.86 -9.79 -10.56
N ALA D 112 40.92 -10.70 -9.60
CA ALA D 112 41.58 -10.44 -8.32
C ALA D 112 43.09 -10.39 -8.47
N ARG D 113 43.62 -11.20 -9.38
CA ARG D 113 45.05 -11.22 -9.63
C ARG D 113 45.48 -9.86 -10.14
N GLU D 114 44.75 -9.37 -11.14
CA GLU D 114 45.03 -8.09 -11.77
C GLU D 114 45.05 -6.92 -10.77
N LEU D 115 44.39 -7.11 -9.62
CA LEU D 115 44.33 -6.06 -8.60
C LEU D 115 45.12 -6.37 -7.33
N GLY D 116 45.80 -7.51 -7.33
CA GLY D 116 46.60 -7.89 -6.16
C GLY D 116 45.78 -8.21 -4.92
N LEU D 117 44.61 -8.81 -5.12
CA LEU D 117 43.75 -9.17 -4.00
C LEU D 117 43.64 -10.69 -3.86
N LYS D 118 43.51 -11.17 -2.63
CA LYS D 118 43.35 -12.60 -2.41
C LYS D 118 41.90 -12.91 -2.76
N VAL D 119 41.59 -14.18 -2.94
CA VAL D 119 40.21 -14.59 -3.27
C VAL D 119 39.76 -15.71 -2.37
N TYR D 120 38.56 -15.58 -1.82
CA TYR D 120 37.99 -16.59 -0.95
C TYR D 120 36.72 -17.11 -1.62
N THR D 121 36.54 -18.43 -1.62
CA THR D 121 35.35 -19.01 -2.21
C THR D 121 34.82 -20.14 -1.33
N PRO D 122 34.42 -19.82 -0.10
CA PRO D 122 33.90 -20.79 0.86
C PRO D 122 32.71 -21.60 0.35
N ALA D 123 31.80 -20.94 -0.36
CA ALA D 123 30.62 -21.63 -0.89
C ALA D 123 30.93 -22.40 -2.16
N TRP D 124 32.16 -22.87 -2.30
CA TRP D 124 32.57 -23.60 -3.50
C TRP D 124 32.72 -25.12 -3.34
N GLU D 125 32.27 -25.83 -4.37
CA GLU D 125 32.33 -27.30 -4.46
C GLU D 125 32.08 -28.14 -3.20
N LYS D 126 31.01 -27.86 -2.47
CA LYS D 126 30.70 -28.66 -1.29
C LYS D 126 29.38 -29.40 -1.51
N ASP D 127 29.16 -30.46 -0.73
CA ASP D 127 27.96 -31.28 -0.89
C ASP D 127 26.61 -30.57 -0.76
N PRO D 128 25.79 -30.63 -1.83
CA PRO D 128 24.47 -30.03 -1.94
C PRO D 128 23.55 -30.21 -0.74
N TYR D 129 23.30 -31.46 -0.36
CA TYR D 129 22.43 -31.77 0.77
C TYR D 129 22.99 -31.27 2.09
N GLN D 130 24.26 -31.57 2.34
CA GLN D 130 24.93 -31.15 3.56
C GLN D 130 24.97 -29.63 3.64
N TYR D 131 25.29 -28.99 2.52
CA TYR D 131 25.36 -27.54 2.44
C TYR D 131 24.00 -26.97 2.82
N MET D 132 22.95 -27.51 2.22
CA MET D 132 21.61 -27.04 2.53
C MET D 132 21.28 -27.31 4.00
N LEU D 133 21.69 -28.46 4.50
CA LEU D 133 21.43 -28.85 5.89
C LEU D 133 22.18 -27.95 6.86
N GLU D 134 23.37 -27.51 6.47
CA GLU D 134 24.18 -26.63 7.31
C GLU D 134 23.58 -25.21 7.39
N ILE D 135 23.03 -24.73 6.29
CA ILE D 135 22.41 -23.43 6.25
C ILE D 135 21.22 -23.43 7.21
N ILE D 136 20.47 -24.53 7.21
CA ILE D 136 19.31 -24.63 8.09
C ILE D 136 19.84 -24.68 9.52
N LYS D 137 20.78 -25.60 9.76
CA LYS D 137 21.38 -25.78 11.07
C LYS D 137 21.81 -24.44 11.67
N LEU D 138 22.56 -23.65 10.90
CA LEU D 138 23.08 -22.36 11.33
C LEU D 138 22.02 -21.34 11.73
N GLY D 139 20.79 -21.52 11.27
CA GLY D 139 19.74 -20.60 11.64
C GLY D 139 19.32 -19.63 10.55
N PHE D 140 19.82 -19.81 9.34
CA PHE D 140 19.45 -18.92 8.24
C PHE D 140 17.95 -19.03 7.96
N LYS D 141 17.31 -17.90 7.72
CA LYS D 141 15.88 -17.85 7.37
C LYS D 141 15.85 -17.57 5.87
N VAL D 142 15.78 -18.65 5.09
CA VAL D 142 15.79 -18.55 3.64
C VAL D 142 14.48 -18.88 2.97
N VAL D 143 14.12 -18.07 1.97
CA VAL D 143 12.88 -18.26 1.23
C VAL D 143 13.17 -18.40 -0.26
N PHE D 144 12.39 -19.25 -0.92
CA PHE D 144 12.55 -19.45 -2.34
C PHE D 144 11.81 -18.29 -3.04
N VAL D 145 12.54 -17.50 -3.85
CA VAL D 145 11.91 -16.38 -4.56
C VAL D 145 11.81 -16.58 -6.07
N ALA D 146 12.24 -17.74 -6.55
CA ALA D 146 12.14 -18.07 -7.97
C ALA D 146 12.24 -19.59 -8.17
N VAL D 147 11.48 -20.09 -9.13
CA VAL D 147 11.50 -21.52 -9.46
C VAL D 147 11.37 -21.64 -10.97
N SER D 148 12.16 -22.53 -11.56
CA SER D 148 12.14 -22.70 -12.99
C SER D 148 12.66 -24.07 -13.37
N ALA D 149 11.84 -25.09 -13.12
CA ALA D 149 12.23 -26.43 -13.43
C ALA D 149 11.06 -27.38 -13.26
N TYR D 150 10.91 -28.30 -14.21
CA TYR D 150 9.86 -29.31 -14.16
C TYR D 150 10.00 -30.02 -12.82
N GLY D 151 8.91 -30.10 -12.07
CA GLY D 151 8.96 -30.72 -10.76
C GLY D 151 8.70 -29.70 -9.68
N LEU D 152 9.09 -28.45 -9.93
CA LEU D 152 8.88 -27.36 -8.98
C LEU D 152 7.69 -26.52 -9.44
N ASN D 153 6.59 -26.58 -8.69
CA ASN D 153 5.41 -25.81 -9.04
C ASN D 153 5.23 -24.55 -8.20
N GLU D 154 4.12 -23.84 -8.41
CA GLU D 154 3.85 -22.61 -7.68
C GLU D 154 3.96 -22.72 -6.16
N SER D 155 3.65 -23.89 -5.62
CA SER D 155 3.68 -24.06 -4.17
C SER D 155 5.03 -23.78 -3.52
N TRP D 156 6.12 -23.82 -4.30
CA TRP D 156 7.44 -23.54 -3.72
C TRP D 156 7.71 -22.05 -3.54
N LEU D 157 7.00 -21.21 -4.27
CA LEU D 157 7.19 -19.78 -4.19
C LEU D 157 6.87 -19.23 -2.81
N GLY D 158 7.86 -18.59 -2.18
CA GLY D 158 7.64 -18.02 -0.86
C GLY D 158 7.86 -19.02 0.25
N ARG D 159 8.13 -20.26 -0.12
CA ARG D 159 8.37 -21.31 0.85
C ARG D 159 9.66 -21.04 1.64
N GLU D 160 9.68 -21.45 2.90
CA GLU D 160 10.85 -21.26 3.75
C GLU D 160 11.69 -22.53 3.78
N LEU D 161 13.01 -22.40 3.66
CA LEU D 161 13.89 -23.57 3.68
C LEU D 161 13.98 -24.16 5.09
N ASN D 162 13.40 -25.33 5.25
CA ASN D 162 13.45 -26.02 6.54
C ASN D 162 13.71 -27.48 6.25
N TYR D 163 13.97 -28.25 7.29
CA TYR D 163 14.25 -29.67 7.16
C TYR D 163 13.18 -30.38 6.30
N LYS D 164 11.91 -30.09 6.57
CA LYS D 164 10.85 -30.75 5.82
C LYS D 164 10.84 -30.51 4.31
N ASN D 165 10.81 -29.25 3.85
CA ASN D 165 10.80 -29.10 2.41
C ASN D 165 12.18 -29.36 1.79
N LEU D 166 13.22 -29.49 2.62
CA LEU D 166 14.54 -29.84 2.10
C LEU D 166 14.48 -31.31 1.68
N GLU D 167 13.87 -32.15 2.51
CA GLU D 167 13.74 -33.56 2.17
C GLU D 167 12.94 -33.63 0.88
N GLU D 168 11.84 -32.88 0.83
CA GLU D 168 11.03 -32.85 -0.37
C GLU D 168 11.96 -32.49 -1.54
N LEU D 169 12.84 -31.53 -1.31
CA LEU D 169 13.78 -31.09 -2.32
C LEU D 169 14.62 -32.25 -2.81
N LYS D 170 15.12 -33.03 -1.85
CA LYS D 170 15.93 -34.19 -2.16
C LYS D 170 15.16 -35.19 -3.02
N LYS D 171 13.94 -35.51 -2.60
CA LYS D 171 13.11 -36.43 -3.36
C LYS D 171 12.85 -35.88 -4.75
N LEU D 172 12.54 -34.58 -4.82
CA LEU D 172 12.29 -33.93 -6.07
C LEU D 172 13.54 -33.97 -6.93
N SER D 173 14.68 -34.08 -6.24
CA SER D 173 15.97 -34.13 -6.92
C SER D 173 16.18 -35.52 -7.50
N GLU D 174 15.95 -36.53 -6.66
CA GLU D 174 16.10 -37.93 -7.05
C GLU D 174 15.03 -38.36 -8.07
N LYS D 175 14.08 -37.47 -8.35
CA LYS D 175 13.02 -37.80 -9.30
C LYS D 175 13.20 -37.13 -10.67
N TYR D 176 13.40 -35.82 -10.64
CA TYR D 176 13.55 -35.05 -11.88
C TYR D 176 14.98 -34.59 -12.06
N GLY D 177 15.83 -34.91 -11.10
CA GLY D 177 17.23 -34.53 -11.17
C GLY D 177 17.58 -33.09 -10.83
N ILE D 178 16.64 -32.31 -10.31
CA ILE D 178 16.94 -30.92 -9.97
C ILE D 178 18.04 -30.86 -8.91
N HIS D 179 19.03 -30.02 -9.12
CA HIS D 179 20.12 -29.88 -8.17
C HIS D 179 19.57 -29.35 -6.86
N ILE D 180 19.83 -30.07 -5.77
CA ILE D 180 19.34 -29.70 -4.44
C ILE D 180 19.66 -28.29 -3.98
N ALA D 181 20.78 -27.73 -4.42
CA ALA D 181 21.18 -26.39 -4.01
C ALA D 181 20.83 -25.31 -5.03
N GLY D 182 20.22 -25.70 -6.14
CA GLY D 182 19.83 -24.73 -7.15
C GLY D 182 20.85 -24.46 -8.24
N GLU D 183 22.03 -25.06 -8.11
CA GLU D 183 23.05 -24.88 -9.13
C GLU D 183 22.38 -25.43 -10.38
N GLY D 184 22.43 -24.68 -11.47
CA GLY D 184 21.77 -25.13 -12.67
C GLY D 184 20.66 -24.14 -12.97
N GLY D 185 20.29 -23.37 -11.96
CA GLY D 185 19.26 -22.36 -12.13
C GLY D 185 17.81 -22.74 -11.91
N GLU D 186 17.56 -23.88 -11.26
CA GLU D 186 16.17 -24.32 -11.06
C GLU D 186 15.40 -23.41 -10.09
N PHE D 187 16.12 -22.74 -9.19
CA PHE D 187 15.46 -21.81 -8.27
C PHE D 187 16.43 -20.77 -7.71
N GLU D 188 15.87 -19.76 -7.04
CA GLU D 188 16.63 -18.68 -6.43
C GLU D 188 16.14 -18.48 -5.00
N THR D 189 17.01 -17.95 -4.15
CA THR D 189 16.66 -17.72 -2.76
C THR D 189 17.02 -16.31 -2.29
N PHE D 190 16.40 -15.90 -1.19
CA PHE D 190 16.66 -14.60 -0.59
C PHE D 190 16.74 -14.80 0.91
N VAL D 191 17.76 -14.23 1.55
CA VAL D 191 17.95 -14.42 2.98
C VAL D 191 17.28 -13.36 3.87
N LEU D 192 16.32 -13.81 4.68
CA LEU D 192 15.62 -12.90 5.58
C LEU D 192 16.36 -12.63 6.89
N ASP D 193 17.14 -13.61 7.33
CA ASP D 193 17.88 -13.49 8.58
C ASP D 193 19.05 -14.46 8.64
N MET D 194 20.07 -14.09 9.39
CA MET D 194 21.23 -14.96 9.55
C MET D 194 21.95 -14.44 10.79
N PRO D 195 22.77 -15.29 11.45
CA PRO D 195 23.48 -14.88 12.66
C PRO D 195 24.01 -13.44 12.70
N PHE D 196 24.69 -13.01 11.64
CA PHE D 196 25.25 -11.66 11.64
C PHE D 196 24.32 -10.49 11.35
N PHE D 197 23.08 -10.77 10.98
CA PHE D 197 22.10 -9.72 10.73
C PHE D 197 21.81 -9.11 12.11
N LYS D 198 21.76 -7.79 12.19
CA LYS D 198 21.47 -7.13 13.46
C LYS D 198 19.98 -6.89 13.49
N ALA D 199 19.31 -7.29 12.42
CA ALA D 199 17.88 -7.11 12.33
C ALA D 199 17.33 -8.15 11.38
N LYS D 200 16.10 -8.56 11.63
CA LYS D 200 15.45 -9.55 10.80
C LYS D 200 14.63 -8.81 9.74
N ILE D 201 14.54 -9.39 8.55
CA ILE D 201 13.74 -8.78 7.49
C ILE D 201 12.38 -9.45 7.55
N VAL D 202 11.34 -8.65 7.80
CA VAL D 202 9.98 -9.17 7.90
C VAL D 202 9.17 -8.71 6.70
N ILE D 203 8.67 -9.68 5.95
CA ILE D 203 7.87 -9.40 4.77
C ILE D 203 6.48 -8.89 5.17
N ASP D 204 6.04 -7.82 4.51
CA ASP D 204 4.73 -7.27 4.81
C ASP D 204 3.74 -7.60 3.69
N ASP D 205 4.15 -7.44 2.44
CA ASP D 205 3.28 -7.78 1.33
C ASP D 205 4.08 -8.38 0.19
N ALA D 206 3.58 -9.48 -0.37
CA ALA D 206 4.26 -10.16 -1.47
C ALA D 206 3.28 -10.63 -2.53
N GLU D 207 3.68 -10.44 -3.79
CA GLU D 207 2.85 -10.84 -4.92
C GLU D 207 3.57 -12.04 -5.53
N LYS D 208 2.79 -12.93 -6.14
CA LYS D 208 3.38 -14.10 -6.77
C LYS D 208 3.11 -14.12 -8.25
N PHE D 209 4.12 -14.50 -9.01
CA PHE D 209 3.98 -14.62 -10.46
C PHE D 209 4.27 -16.08 -10.76
N TRP D 210 3.44 -16.66 -11.61
CA TRP D 210 3.58 -18.07 -11.98
C TRP D 210 2.74 -18.25 -13.22
N ASP D 211 3.35 -18.79 -14.28
CA ASP D 211 2.65 -19.01 -15.54
C ASP D 211 2.43 -20.49 -15.81
N GLY D 212 2.69 -21.32 -14.82
CA GLY D 212 2.54 -22.75 -14.98
C GLY D 212 3.87 -23.41 -15.31
N LEU D 213 4.83 -22.60 -15.74
CA LEU D 213 6.17 -23.08 -16.09
C LEU D 213 7.27 -22.51 -15.18
N SER D 214 7.30 -21.19 -15.05
CA SER D 214 8.27 -20.47 -14.22
C SER D 214 7.54 -19.52 -13.29
N GLY D 215 8.16 -19.21 -12.16
CA GLY D 215 7.54 -18.31 -11.21
C GLY D 215 8.52 -17.48 -10.40
N LYS D 216 7.98 -16.51 -9.66
CA LYS D 216 8.75 -15.61 -8.82
C LYS D 216 7.95 -15.15 -7.61
N PHE D 217 8.63 -14.98 -6.48
CA PHE D 217 8.00 -14.49 -5.25
C PHE D 217 8.56 -13.09 -5.02
N ILE D 218 7.79 -12.08 -5.40
CA ILE D 218 8.21 -10.67 -5.27
C ILE D 218 7.78 -10.02 -3.95
N ILE D 219 8.76 -9.57 -3.17
CA ILE D 219 8.47 -8.91 -1.91
C ILE D 219 8.15 -7.44 -2.16
N LYS D 220 6.89 -7.07 -1.97
CA LYS D 220 6.44 -5.70 -2.22
C LYS D 220 6.77 -4.70 -1.12
N ARG D 221 6.60 -5.12 0.13
CA ARG D 221 6.90 -4.23 1.23
C ARG D 221 7.37 -5.05 2.42
N ALA D 222 8.40 -4.53 3.10
CA ALA D 222 8.97 -5.20 4.25
C ALA D 222 9.62 -4.19 5.18
N HIS D 223 9.84 -4.59 6.42
CA HIS D 223 10.49 -3.71 7.37
C HIS D 223 11.54 -4.50 8.14
N LEU D 224 12.33 -3.81 8.95
CA LEU D 224 13.36 -4.48 9.72
C LEU D 224 12.95 -4.60 11.17
N GLU D 225 13.33 -5.71 11.80
CA GLU D 225 13.04 -5.91 13.22
C GLU D 225 14.34 -6.17 13.95
N TRP D 226 14.80 -5.15 14.64
CA TRP D 226 16.06 -5.22 15.35
C TRP D 226 16.13 -6.23 16.49
N LYS D 227 17.26 -6.94 16.56
CA LYS D 227 17.50 -7.94 17.59
C LYS D 227 18.02 -7.31 18.87
#